data_7YCF
#
_entry.id   7YCF
#
_cell.length_a   123.110
_cell.length_b   123.110
_cell.length_c   129.590
_cell.angle_alpha   90.000
_cell.angle_beta   90.000
_cell.angle_gamma   120.000
#
_symmetry.space_group_name_H-M   'P 63'
#
loop_
_entity.id
_entity.type
_entity.pdbx_description
1 polymer 'Hydroxynitrile lyase'
2 non-polymer 2-HYDROXY-2-METHYLPROPANENITRILE
3 non-polymer 'CHLORIDE ION'
4 non-polymer 'SULFATE ION'
5 water water
#
_entity_poly.entity_id   1
_entity_poly.type   'polypeptide(L)'
_entity_poly.pdbx_seq_one_letter_code
;MLYYVSILLMAVYAVAVADEDPMTCDKLPKVPVPPLEEFIKSNPLQFAYVLTDTFDCTTRVYVQPARLSPNQAATALDIR
GSRIITNDFVGGPNNSAILNNCTTGEKATWYFQYTNLNTPNGSSYCAYTCNGEEIAEYKCANNNNGTDPLQKQAVEVAKK
VPNGDKIHYALDNCPEHHGCFAFY
;
_entity_poly.pdbx_strand_id   A,B,C,D
#
# COMPACT_ATOMS: atom_id res chain seq x y z
N ASP A 19 -13.24 -16.60 -15.36
CA ASP A 19 -12.27 -15.48 -15.51
C ASP A 19 -12.19 -14.68 -14.21
N GLU A 20 -11.04 -14.73 -13.52
CA GLU A 20 -10.93 -14.29 -12.13
C GLU A 20 -9.72 -13.37 -11.91
N ASP A 21 -9.94 -12.29 -11.15
CA ASP A 21 -8.89 -11.37 -10.75
C ASP A 21 -7.81 -12.08 -9.93
N PRO A 22 -6.50 -11.70 -10.06
CA PRO A 22 -5.44 -12.20 -9.15
C PRO A 22 -5.76 -11.89 -7.67
N MET A 23 -5.40 -12.84 -6.81
CA MET A 23 -5.88 -12.84 -5.44
C MET A 23 -4.84 -12.31 -4.44
N THR A 24 -3.55 -12.43 -4.82
CA THR A 24 -2.43 -11.98 -4.00
C THR A 24 -1.46 -11.11 -4.83
N CYS A 25 -0.60 -10.37 -4.13
CA CYS A 25 0.23 -9.34 -4.76
C CYS A 25 1.23 -9.94 -5.77
N ASP A 26 1.78 -11.11 -5.43
CA ASP A 26 2.73 -11.88 -6.22
C ASP A 26 2.12 -12.32 -7.54
N LYS A 27 0.78 -12.27 -7.66
CA LYS A 27 0.11 -12.70 -8.88
C LYS A 27 -0.42 -11.51 -9.69
N LEU A 28 -0.15 -10.27 -9.27
CA LEU A 28 -0.59 -9.14 -10.09
C LEU A 28 0.12 -9.20 -11.47
N PRO A 29 -0.49 -8.61 -12.53
CA PRO A 29 0.16 -8.48 -13.84
C PRO A 29 1.48 -7.69 -13.77
N LYS A 30 2.39 -7.97 -14.74
CA LYS A 30 3.71 -7.41 -14.83
C LYS A 30 4.00 -7.11 -16.31
N VAL A 31 3.55 -5.94 -16.77
CA VAL A 31 3.67 -5.54 -18.15
C VAL A 31 5.12 -5.09 -18.38
N PRO A 32 5.64 -5.13 -19.63
CA PRO A 32 6.98 -4.63 -19.93
C PRO A 32 7.11 -3.17 -19.53
N VAL A 33 8.26 -2.83 -18.96
CA VAL A 33 8.57 -1.46 -18.60
C VAL A 33 8.75 -0.67 -19.90
N PRO A 34 7.90 0.33 -20.23
CA PRO A 34 8.13 1.16 -21.42
C PRO A 34 9.54 1.75 -21.40
N PRO A 35 10.04 2.16 -22.60
CA PRO A 35 11.25 2.96 -22.67
C PRO A 35 11.10 4.19 -21.76
N LEU A 36 12.18 4.55 -21.09
CA LEU A 36 12.21 5.73 -20.25
C LEU A 36 11.62 6.94 -20.94
N GLU A 37 11.96 7.15 -22.23
CA GLU A 37 11.48 8.31 -22.97
C GLU A 37 9.95 8.41 -22.84
N GLU A 38 9.21 7.27 -22.82
CA GLU A 38 7.74 7.34 -22.77
C GLU A 38 7.28 7.99 -21.45
N PHE A 39 7.99 7.65 -20.36
CA PHE A 39 7.70 8.23 -19.04
C PHE A 39 8.08 9.70 -19.01
N ILE A 40 9.28 10.05 -19.50
CA ILE A 40 9.71 11.44 -19.47
C ILE A 40 8.72 12.30 -20.24
N LYS A 41 8.28 11.84 -21.42
CA LYS A 41 7.27 12.58 -22.18
C LYS A 41 5.92 12.70 -21.47
N SER A 42 5.64 11.86 -20.46
CA SER A 42 4.44 11.98 -19.63
C SER A 42 4.58 12.99 -18.49
N ASN A 43 5.80 13.49 -18.24
CA ASN A 43 6.07 14.36 -17.09
C ASN A 43 5.26 15.66 -17.16
N PRO A 44 4.81 16.27 -16.04
CA PRO A 44 4.66 15.62 -14.74
C PRO A 44 3.30 14.89 -14.67
N LEU A 45 3.23 13.90 -13.79
CA LEU A 45 2.01 13.18 -13.49
C LEU A 45 1.58 13.43 -12.04
N GLN A 46 0.31 13.09 -11.74
CA GLN A 46 -0.20 13.15 -10.37
C GLN A 46 -0.57 11.73 -9.96
N PHE A 47 -0.41 11.43 -8.65
CA PHE A 47 -0.88 10.14 -8.19
C PHE A 47 -2.35 10.26 -7.78
N ALA A 48 -3.21 9.59 -8.51
CA ALA A 48 -4.63 9.57 -8.19
C ALA A 48 -4.93 8.56 -7.08
N TYR A 49 -4.27 7.39 -7.09
CA TYR A 49 -4.45 6.36 -6.07
C TYR A 49 -3.10 5.92 -5.55
N VAL A 50 -2.98 5.83 -4.21
CA VAL A 50 -1.76 5.38 -3.55
C VAL A 50 -2.14 4.49 -2.37
N LEU A 51 -1.16 3.79 -1.79
CA LEU A 51 -1.42 2.97 -0.60
C LEU A 51 -1.11 3.75 0.68
N THR A 52 0.15 4.10 0.94
CA THR A 52 0.48 4.87 2.14
C THR A 52 0.21 6.34 1.85
N ASP A 53 -0.12 7.09 2.90
CA ASP A 53 -0.57 8.45 2.76
C ASP A 53 0.63 9.41 2.56
N THR A 54 1.84 8.91 2.72
CA THR A 54 3.06 9.59 2.28
C THR A 54 2.91 10.16 0.86
N PHE A 55 2.18 9.45 -0.02
CA PHE A 55 2.12 9.81 -1.44
C PHE A 55 0.82 10.51 -1.85
N ASP A 56 0.06 11.04 -0.86
CA ASP A 56 -1.07 11.91 -1.15
C ASP A 56 -0.55 13.24 -1.71
N CYS A 57 -1.38 13.89 -2.54
CA CYS A 57 -1.10 15.26 -3.01
C CYS A 57 0.31 15.33 -3.62
N THR A 58 0.64 14.33 -4.44
CA THR A 58 2.00 14.15 -4.93
C THR A 58 2.03 14.24 -6.46
N THR A 59 3.10 14.88 -6.95
CA THR A 59 3.47 14.98 -8.36
C THR A 59 4.70 14.07 -8.62
N ARG A 60 4.61 13.26 -9.68
CA ARG A 60 5.73 12.42 -10.13
C ARG A 60 6.46 13.08 -11.32
N VAL A 61 7.79 13.13 -11.24
CA VAL A 61 8.67 13.51 -12.35
C VAL A 61 9.72 12.41 -12.51
N TYR A 62 9.85 11.89 -13.73
CA TYR A 62 10.90 10.95 -14.09
C TYR A 62 12.12 11.66 -14.66
N VAL A 63 13.29 11.12 -14.31
CA VAL A 63 14.60 11.71 -14.63
C VAL A 63 15.50 10.64 -15.21
N GLN A 64 16.12 11.00 -16.33
CA GLN A 64 17.05 10.08 -16.99
C GLN A 64 18.30 9.97 -16.12
N PRO A 65 19.15 8.94 -16.31
CA PRO A 65 20.40 8.88 -15.58
C PRO A 65 21.24 10.09 -15.91
N ALA A 66 21.92 10.66 -14.91
CA ALA A 66 22.95 11.65 -15.17
C ALA A 66 23.99 11.13 -16.19
N ARG A 67 24.49 12.04 -17.04
CA ARG A 67 25.52 11.75 -18.02
C ARG A 67 26.67 10.92 -17.42
N LEU A 68 27.15 11.33 -16.23
CA LEU A 68 28.31 10.74 -15.54
C LEU A 68 27.93 9.62 -14.56
N SER A 69 26.65 9.22 -14.52
CA SER A 69 26.20 8.16 -13.62
C SER A 69 27.02 6.89 -13.85
N PRO A 70 27.69 6.36 -12.81
CA PRO A 70 28.39 5.09 -12.95
C PRO A 70 27.49 3.90 -13.26
N ASN A 71 26.21 3.89 -12.76
CA ASN A 71 25.35 2.73 -12.88
C ASN A 71 24.21 2.91 -13.88
N GLN A 72 24.05 4.10 -14.49
CA GLN A 72 22.99 4.38 -15.47
C GLN A 72 21.57 4.16 -14.89
N ALA A 73 21.39 4.44 -13.59
CA ALA A 73 20.06 4.39 -13.00
C ALA A 73 19.31 5.67 -13.32
N ALA A 74 18.05 5.51 -13.79
CA ALA A 74 17.09 6.60 -13.83
C ALA A 74 16.65 6.95 -12.39
N THR A 75 15.91 8.05 -12.23
CA THR A 75 15.38 8.51 -10.94
C THR A 75 13.89 8.88 -11.06
N ALA A 76 13.08 8.38 -10.09
CA ALA A 76 11.70 8.80 -9.89
C ALA A 76 11.64 9.84 -8.76
N LEU A 77 11.07 10.98 -9.05
CA LEU A 77 10.86 12.03 -8.06
C LEU A 77 9.39 12.01 -7.63
N ASP A 78 9.17 11.98 -6.31
CA ASP A 78 7.84 12.10 -5.70
C ASP A 78 7.84 13.41 -4.91
N ILE A 79 7.10 14.39 -5.45
CA ILE A 79 7.15 15.77 -5.02
C ILE A 79 5.83 16.14 -4.37
N ARG A 80 5.94 16.67 -3.15
CA ARG A 80 4.76 17.03 -2.38
C ARG A 80 5.05 18.35 -1.70
N GLY A 81 4.59 19.44 -2.31
CA GLY A 81 4.97 20.78 -1.84
C GLY A 81 6.46 21.00 -1.97
N SER A 82 7.08 21.37 -0.83
CA SER A 82 8.52 21.67 -0.76
C SER A 82 9.33 20.46 -0.28
N ARG A 83 8.69 19.28 -0.27
CA ARG A 83 9.35 18.03 0.10
C ARG A 83 9.47 17.12 -1.13
N ILE A 84 10.50 16.27 -1.13
CA ILE A 84 10.71 15.34 -2.21
C ILE A 84 11.24 14.00 -1.68
N ILE A 85 10.74 12.93 -2.25
CA ILE A 85 11.30 11.60 -2.08
C ILE A 85 11.89 11.16 -3.43
N THR A 86 13.09 10.57 -3.40
CA THR A 86 13.80 10.17 -4.61
C THR A 86 14.18 8.71 -4.52
N ASN A 87 14.02 8.01 -5.64
CA ASN A 87 14.42 6.64 -5.80
C ASN A 87 15.08 6.50 -7.16
N ASP A 88 16.36 6.08 -7.19
CA ASP A 88 16.93 5.58 -8.43
C ASP A 88 16.25 4.28 -8.81
N PHE A 89 16.24 3.96 -10.11
CA PHE A 89 15.80 2.64 -10.52
C PHE A 89 16.52 2.16 -11.78
N VAL A 90 16.58 0.83 -11.91
CA VAL A 90 17.02 0.15 -13.10
C VAL A 90 16.08 -1.03 -13.38
N GLY A 91 16.12 -1.52 -14.61
CA GLY A 91 15.38 -2.71 -15.03
C GLY A 91 15.90 -3.95 -14.33
N GLY A 92 15.00 -4.85 -13.98
CA GLY A 92 15.41 -6.12 -13.44
C GLY A 92 14.67 -7.23 -14.19
N PRO A 93 14.86 -8.49 -13.78
CA PRO A 93 14.18 -9.59 -14.46
C PRO A 93 12.68 -9.57 -14.19
N ASN A 94 11.95 -10.26 -15.08
CA ASN A 94 10.51 -10.44 -14.99
C ASN A 94 9.77 -9.12 -15.07
N ASN A 95 10.38 -8.12 -15.76
CA ASN A 95 9.74 -6.84 -16.02
C ASN A 95 9.67 -6.03 -14.72
N SER A 96 10.62 -6.27 -13.81
CA SER A 96 10.76 -5.49 -12.59
C SER A 96 11.53 -4.18 -12.82
N ALA A 97 11.27 -3.23 -11.92
CA ALA A 97 12.14 -2.10 -11.67
C ALA A 97 12.71 -2.21 -10.27
N ILE A 98 14.03 -2.17 -10.17
CA ILE A 98 14.68 -2.26 -8.87
C ILE A 98 15.04 -0.86 -8.39
N LEU A 99 14.45 -0.45 -7.26
CA LEU A 99 14.59 0.90 -6.70
C LEU A 99 15.63 0.94 -5.58
N ASN A 100 16.30 2.09 -5.49
CA ASN A 100 17.23 2.45 -4.43
C ASN A 100 16.82 3.80 -3.88
N ASN A 101 16.29 3.80 -2.65
CA ASN A 101 15.92 5.03 -1.96
C ASN A 101 17.18 5.84 -1.77
N CYS A 102 17.20 7.08 -2.27
CA CYS A 102 18.45 7.85 -2.32
C CYS A 102 18.85 8.39 -0.94
N THR A 103 17.88 8.51 -0.03
CA THR A 103 18.13 9.01 1.31
C THR A 103 18.55 7.87 2.25
N THR A 104 18.04 6.64 2.07
CA THR A 104 18.32 5.55 3.02
C THR A 104 19.16 4.42 2.44
N GLY A 105 19.10 4.16 1.13
CA GLY A 105 19.79 3.02 0.53
C GLY A 105 18.99 1.72 0.56
N GLU A 106 17.73 1.80 1.00
CA GLU A 106 16.83 0.66 0.98
C GLU A 106 16.42 0.32 -0.46
N LYS A 107 16.30 -0.98 -0.76
CA LYS A 107 15.94 -1.44 -2.09
C LYS A 107 14.52 -1.95 -2.06
N ALA A 108 13.86 -1.94 -3.21
CA ALA A 108 12.58 -2.61 -3.41
C ALA A 108 12.40 -3.02 -4.87
N THR A 109 11.70 -4.14 -5.09
CA THR A 109 11.37 -4.66 -6.41
C THR A 109 9.94 -4.23 -6.74
N TRP A 110 9.80 -3.40 -7.78
CA TRP A 110 8.54 -2.87 -8.27
C TRP A 110 8.17 -3.50 -9.61
N TYR A 111 6.85 -3.45 -9.88
CA TYR A 111 6.33 -3.87 -11.17
C TYR A 111 5.24 -2.91 -11.61
N PHE A 112 4.92 -3.00 -12.90
CA PHE A 112 3.80 -2.27 -13.47
C PHE A 112 2.65 -3.23 -13.69
N GLN A 113 1.55 -2.88 -13.01
CA GLN A 113 0.28 -3.58 -13.20
C GLN A 113 -0.20 -3.38 -14.63
N TYR A 114 -0.11 -2.12 -15.10
CA TYR A 114 -0.31 -1.79 -16.50
C TYR A 114 0.36 -0.43 -16.79
N THR A 115 0.61 -0.14 -18.08
CA THR A 115 1.00 1.20 -18.49
C THR A 115 0.17 1.53 -19.72
N ASN A 116 -0.14 2.82 -19.86
CA ASN A 116 -0.89 3.29 -21.01
C ASN A 116 -0.42 4.69 -21.29
N LEU A 117 0.83 4.78 -21.78
CA LEU A 117 1.51 6.06 -21.90
C LEU A 117 1.29 6.69 -23.29
N ASN A 118 1.05 8.01 -23.27
CA ASN A 118 1.06 8.91 -24.42
C ASN A 118 0.02 8.45 -25.42
N THR A 119 -1.19 8.13 -24.94
CA THR A 119 -2.30 7.83 -25.82
C THR A 119 -2.79 9.15 -26.36
N PRO A 120 -3.78 9.17 -27.28
CA PRO A 120 -4.42 10.45 -27.60
C PRO A 120 -5.17 11.11 -26.43
N ASN A 121 -5.35 10.43 -25.28
CA ASN A 121 -6.02 10.98 -24.11
C ASN A 121 -5.03 11.09 -22.94
N GLY A 122 -3.73 11.06 -23.26
CA GLY A 122 -2.69 11.25 -22.26
C GLY A 122 -2.19 9.90 -21.74
N SER A 123 -1.58 9.96 -20.56
CA SER A 123 -0.84 8.87 -19.96
C SER A 123 -1.46 8.45 -18.62
N SER A 124 -1.47 7.15 -18.37
CA SER A 124 -1.70 6.63 -17.03
C SER A 124 -0.89 5.36 -16.86
N TYR A 125 -0.60 5.03 -15.58
CA TYR A 125 -0.10 3.72 -15.24
C TYR A 125 -0.41 3.46 -13.75
N CYS A 126 -0.28 2.18 -13.37
CA CYS A 126 -0.30 1.76 -11.96
C CYS A 126 0.86 0.80 -11.75
N ALA A 127 1.62 1.07 -10.70
CA ALA A 127 2.76 0.27 -10.31
C ALA A 127 2.63 -0.14 -8.83
N TYR A 128 3.38 -1.16 -8.42
CA TYR A 128 3.30 -1.66 -7.05
C TYR A 128 4.58 -2.39 -6.65
N THR A 129 4.70 -2.60 -5.33
CA THR A 129 5.70 -3.45 -4.75
C THR A 129 5.04 -4.29 -3.65
N CYS A 130 5.45 -5.55 -3.57
CA CYS A 130 4.86 -6.54 -2.69
C CYS A 130 5.74 -6.78 -1.47
N ASN A 131 5.10 -7.19 -0.37
CA ASN A 131 5.75 -7.82 0.77
C ASN A 131 5.21 -9.25 0.78
N GLY A 132 5.81 -10.12 -0.03
CA GLY A 132 5.24 -11.42 -0.36
C GLY A 132 3.88 -11.34 -1.06
N GLU A 133 2.84 -11.86 -0.39
CA GLU A 133 1.51 -11.94 -0.97
C GLU A 133 0.73 -10.66 -0.68
N GLU A 134 1.21 -9.81 0.22
N GLU A 134 1.31 -9.79 0.15
CA GLU A 134 0.54 -8.55 0.43
CA GLU A 134 0.73 -8.52 0.55
C GLU A 134 1.16 -7.50 -0.48
C GLU A 134 1.29 -7.35 -0.27
N ILE A 135 0.41 -6.42 -0.66
CA ILE A 135 0.85 -5.23 -1.36
C ILE A 135 1.42 -4.25 -0.34
N ALA A 136 2.66 -3.78 -0.58
CA ALA A 136 3.33 -2.86 0.34
C ALA A 136 3.17 -1.40 -0.11
N GLU A 137 3.14 -1.18 -1.43
CA GLU A 137 2.96 0.18 -1.91
C GLU A 137 2.33 0.10 -3.29
N TYR A 138 1.61 1.17 -3.63
CA TYR A 138 0.83 1.23 -4.84
C TYR A 138 0.80 2.66 -5.27
N LYS A 139 1.04 2.87 -6.59
CA LYS A 139 1.02 4.22 -7.12
C LYS A 139 0.39 4.16 -8.50
N CYS A 140 -0.75 4.85 -8.62
CA CYS A 140 -1.39 5.07 -9.90
C CYS A 140 -1.28 6.53 -10.28
N ALA A 141 -0.60 6.76 -11.40
CA ALA A 141 -0.33 8.09 -11.89
C ALA A 141 -1.02 8.36 -13.23
N ASN A 142 -1.30 9.63 -13.49
CA ASN A 142 -1.87 10.04 -14.76
C ASN A 142 -1.64 11.53 -14.98
N ASN A 143 -1.91 11.97 -16.22
CA ASN A 143 -1.91 13.40 -16.54
C ASN A 143 -3.22 13.81 -17.22
N ASN A 144 -4.29 13.03 -16.99
CA ASN A 144 -5.56 13.24 -17.69
C ASN A 144 -6.75 13.27 -16.70
N ASN A 145 -6.50 13.66 -15.46
CA ASN A 145 -7.49 13.71 -14.39
C ASN A 145 -8.29 12.43 -14.21
N GLY A 146 -7.64 11.27 -14.31
CA GLY A 146 -8.23 10.02 -13.84
C GLY A 146 -9.22 9.43 -14.80
N THR A 147 -9.16 9.80 -16.09
CA THR A 147 -10.19 9.39 -17.05
C THR A 147 -9.87 8.10 -17.81
N ASP A 148 -8.66 7.55 -17.63
CA ASP A 148 -8.36 6.30 -18.34
C ASP A 148 -9.14 5.13 -17.74
N PRO A 149 -10.00 4.40 -18.50
CA PRO A 149 -10.72 3.25 -17.98
C PRO A 149 -9.86 2.09 -17.48
N LEU A 150 -8.62 1.97 -18.00
CA LEU A 150 -7.68 0.99 -17.48
C LEU A 150 -7.36 1.25 -16.01
N GLN A 151 -7.27 2.54 -15.64
CA GLN A 151 -6.86 2.93 -14.30
C GLN A 151 -7.93 2.52 -13.29
N LYS A 152 -9.20 2.74 -13.62
CA LYS A 152 -10.32 2.37 -12.76
C LYS A 152 -10.34 0.88 -12.43
N GLN A 153 -10.25 0.04 -13.48
CA GLN A 153 -10.29 -1.39 -13.28
C GLN A 153 -9.00 -1.89 -12.59
N ALA A 154 -7.84 -1.25 -12.82
CA ALA A 154 -6.60 -1.68 -12.19
C ALA A 154 -6.71 -1.50 -10.66
N VAL A 155 -7.19 -0.33 -10.26
CA VAL A 155 -7.35 0.01 -8.85
C VAL A 155 -8.30 -0.98 -8.14
N GLU A 156 -9.40 -1.35 -8.79
CA GLU A 156 -10.33 -2.33 -8.24
C GLU A 156 -9.67 -3.67 -7.95
N VAL A 157 -8.81 -4.09 -8.89
CA VAL A 157 -8.15 -5.37 -8.75
C VAL A 157 -7.16 -5.32 -7.59
N ALA A 158 -6.32 -4.27 -7.56
CA ALA A 158 -5.25 -4.12 -6.60
C ALA A 158 -5.83 -4.01 -5.17
N LYS A 159 -7.01 -3.38 -5.05
CA LYS A 159 -7.63 -3.22 -3.73
C LYS A 159 -7.87 -4.58 -3.08
N LYS A 160 -8.15 -5.62 -3.88
CA LYS A 160 -8.64 -6.88 -3.36
C LYS A 160 -7.52 -7.79 -2.87
N VAL A 161 -6.24 -7.43 -3.11
CA VAL A 161 -5.17 -8.28 -2.66
C VAL A 161 -4.90 -7.96 -1.19
N PRO A 162 -4.23 -8.86 -0.44
CA PRO A 162 -3.93 -8.60 0.97
C PRO A 162 -3.23 -7.26 1.19
N ASN A 163 -3.81 -6.45 2.09
CA ASN A 163 -3.34 -5.11 2.44
C ASN A 163 -3.85 -4.05 1.45
N GLY A 164 -4.54 -4.44 0.38
CA GLY A 164 -4.94 -3.49 -0.65
C GLY A 164 -6.12 -2.59 -0.25
N ASP A 165 -6.81 -2.94 0.84
CA ASP A 165 -7.87 -2.13 1.41
C ASP A 165 -7.34 -0.77 1.81
N LYS A 166 -6.02 -0.58 2.03
CA LYS A 166 -5.52 0.76 2.34
C LYS A 166 -5.42 1.71 1.13
N ILE A 167 -5.48 1.19 -0.10
CA ILE A 167 -5.38 1.99 -1.31
C ILE A 167 -6.57 2.94 -1.36
N HIS A 168 -6.26 4.21 -1.58
CA HIS A 168 -7.25 5.27 -1.55
C HIS A 168 -6.94 6.34 -2.60
N TYR A 169 -7.97 7.16 -2.87
CA TYR A 169 -7.88 8.35 -3.69
C TYR A 169 -7.02 9.37 -2.98
N ALA A 170 -6.02 9.89 -3.70
CA ALA A 170 -4.93 10.60 -3.07
C ALA A 170 -4.98 12.11 -3.26
N LEU A 171 -5.99 12.64 -3.96
CA LEU A 171 -5.98 14.02 -4.38
C LEU A 171 -7.16 14.79 -3.78
N ASP A 172 -7.67 14.40 -2.61
CA ASP A 172 -8.70 15.23 -1.97
C ASP A 172 -8.02 16.25 -1.07
N ASN A 173 -8.50 17.48 -1.14
CA ASN A 173 -8.16 18.54 -0.19
C ASN A 173 -6.68 18.85 -0.21
N CYS A 174 -6.08 18.87 -1.40
CA CYS A 174 -4.65 19.16 -1.46
C CYS A 174 -4.44 20.66 -1.27
N PRO A 175 -3.25 21.14 -0.88
CA PRO A 175 -3.04 22.56 -0.62
C PRO A 175 -3.23 23.44 -1.85
N GLU A 176 -3.64 24.70 -1.59
CA GLU A 176 -3.88 25.64 -2.66
C GLU A 176 -2.53 26.06 -3.27
N HIS A 177 -2.60 26.49 -4.52
CA HIS A 177 -1.45 26.81 -5.35
C HIS A 177 -1.17 28.31 -5.31
N HIS A 178 0.04 28.70 -5.74
CA HIS A 178 0.45 30.09 -5.90
C HIS A 178 0.98 30.35 -7.32
N GLY A 179 0.15 30.02 -8.31
CA GLY A 179 0.41 30.39 -9.68
C GLY A 179 0.98 29.27 -10.56
N CYS A 180 1.39 28.12 -9.99
CA CYS A 180 1.84 27.00 -10.79
C CYS A 180 0.78 25.91 -10.86
N PHE A 181 0.71 25.20 -11.98
CA PHE A 181 -0.34 24.21 -12.18
C PHE A 181 -0.04 22.93 -11.41
N ALA A 182 1.20 22.39 -11.47
CA ALA A 182 1.47 21.02 -11.04
C ALA A 182 2.34 20.94 -9.78
N PHE A 183 2.66 22.11 -9.19
CA PHE A 183 3.51 22.24 -8.02
C PHE A 183 2.90 23.32 -7.12
N TYR A 184 3.23 23.26 -5.81
CA TYR A 184 2.61 24.13 -4.82
C TYR A 184 3.51 24.34 -3.60
N MET B 23 31.64 46.42 -15.34
CA MET B 23 30.52 45.52 -15.74
C MET B 23 29.44 45.61 -14.67
N THR B 24 28.19 45.83 -15.06
CA THR B 24 27.09 45.78 -14.10
C THR B 24 26.06 44.71 -14.53
N CYS B 25 25.18 44.28 -13.62
CA CYS B 25 24.30 43.16 -13.89
C CYS B 25 23.38 43.38 -15.09
N ASP B 26 22.85 44.61 -15.25
CA ASP B 26 22.00 45.00 -16.38
C ASP B 26 22.71 44.89 -17.73
N LYS B 27 24.06 44.87 -17.74
CA LYS B 27 24.87 44.83 -18.97
C LYS B 27 25.41 43.43 -19.29
N LEU B 28 25.06 42.42 -18.49
CA LEU B 28 25.58 41.07 -18.73
C LEU B 28 24.98 40.52 -20.02
N PRO B 29 25.64 39.54 -20.73
CA PRO B 29 25.07 38.92 -21.93
C PRO B 29 23.70 38.29 -21.64
N LYS B 30 22.83 38.30 -22.66
CA LYS B 30 21.51 37.69 -22.63
C LYS B 30 21.35 36.86 -23.90
N VAL B 31 21.84 35.61 -23.86
CA VAL B 31 21.80 34.72 -25.01
C VAL B 31 20.38 34.16 -25.11
N PRO B 32 19.96 33.68 -26.30
CA PRO B 32 18.61 33.13 -26.47
C PRO B 32 18.42 31.94 -25.54
N VAL B 33 17.21 31.89 -24.99
CA VAL B 33 16.78 30.75 -24.22
C VAL B 33 16.71 29.55 -25.17
N PRO B 34 17.52 28.48 -24.98
CA PRO B 34 17.43 27.29 -25.83
C PRO B 34 16.02 26.66 -25.76
N PRO B 35 15.68 25.83 -26.77
CA PRO B 35 14.44 25.06 -26.74
C PRO B 35 14.39 24.22 -25.47
N LEU B 36 13.18 24.03 -24.93
CA LEU B 36 13.01 23.35 -23.66
C LEU B 36 13.56 21.94 -23.73
N GLU B 37 13.36 21.26 -24.88
CA GLU B 37 13.89 19.91 -24.97
C GLU B 37 15.42 19.88 -24.79
N GLU B 38 16.15 20.97 -25.14
CA GLU B 38 17.60 20.97 -24.89
C GLU B 38 17.88 20.91 -23.37
N PHE B 39 17.09 21.62 -22.56
CA PHE B 39 17.21 21.59 -21.12
C PHE B 39 16.84 20.22 -20.55
N ILE B 40 15.72 19.65 -21.00
CA ILE B 40 15.32 18.33 -20.54
C ILE B 40 16.34 17.25 -20.86
N LYS B 41 16.92 17.27 -22.07
CA LYS B 41 17.98 16.33 -22.42
C LYS B 41 19.24 16.52 -21.56
N SER B 42 19.42 17.68 -20.90
CA SER B 42 20.56 17.90 -20.01
C SER B 42 20.34 17.31 -18.61
N ASN B 43 19.08 16.91 -18.28
CA ASN B 43 18.73 16.53 -16.90
C ASN B 43 19.50 15.28 -16.49
N PRO B 44 19.87 15.11 -15.18
CA PRO B 44 19.90 16.19 -14.20
C PRO B 44 21.23 16.95 -14.28
N LEU B 45 21.20 18.19 -13.77
CA LEU B 45 22.39 18.99 -13.64
C LEU B 45 22.68 19.31 -12.16
N GLN B 46 23.92 19.72 -11.91
CA GLN B 46 24.33 20.23 -10.60
C GLN B 46 24.74 21.69 -10.73
N PHE B 47 24.49 22.47 -9.66
CA PHE B 47 24.97 23.85 -9.61
C PHE B 47 26.38 23.91 -9.02
N ALA B 48 27.36 24.23 -9.89
CA ALA B 48 28.77 24.37 -9.55
C ALA B 48 29.03 25.70 -8.85
N TYR B 49 28.40 26.81 -9.31
CA TYR B 49 28.57 28.12 -8.69
C TYR B 49 27.20 28.75 -8.52
N VAL B 50 26.96 29.32 -7.34
CA VAL B 50 25.73 30.03 -7.05
C VAL B 50 26.09 31.26 -6.21
N LEU B 51 25.14 32.18 -6.04
CA LEU B 51 25.37 33.36 -5.20
C LEU B 51 24.98 33.04 -3.74
N THR B 52 23.67 32.86 -3.47
CA THR B 52 23.19 32.55 -2.13
C THR B 52 23.35 31.07 -1.81
N ASP B 53 23.63 30.85 -0.52
CA ASP B 53 23.63 29.60 0.22
C ASP B 53 22.51 28.62 -0.11
N THR B 54 21.29 29.12 -0.31
CA THR B 54 20.11 28.34 -0.67
C THR B 54 20.39 27.25 -1.72
N PHE B 55 21.32 27.51 -2.66
CA PHE B 55 21.45 26.70 -3.87
C PHE B 55 22.74 25.89 -3.86
N ASP B 56 23.36 25.82 -2.67
CA ASP B 56 24.46 24.88 -2.43
C ASP B 56 23.90 23.46 -2.46
N CYS B 57 24.75 22.53 -2.91
CA CYS B 57 24.51 21.09 -2.84
C CYS B 57 23.21 20.72 -3.55
N THR B 58 22.99 21.31 -4.73
CA THR B 58 21.67 21.30 -5.35
C THR B 58 21.74 20.68 -6.75
N THR B 59 20.70 19.87 -7.04
CA THR B 59 20.44 19.26 -8.34
C THR B 59 19.26 19.96 -9.04
N ARG B 60 19.44 20.28 -10.33
CA ARG B 60 18.45 20.90 -11.19
C ARG B 60 17.86 19.86 -12.16
N VAL B 61 16.53 19.79 -12.15
CA VAL B 61 15.75 19.04 -13.13
C VAL B 61 14.74 20.00 -13.74
N TYR B 62 14.64 19.97 -15.08
CA TYR B 62 13.65 20.72 -15.82
C TYR B 62 12.45 19.84 -16.20
N VAL B 63 11.26 20.43 -16.14
CA VAL B 63 10.03 19.71 -16.43
C VAL B 63 9.24 20.47 -17.50
N GLN B 64 8.74 19.72 -18.49
N GLN B 64 8.74 19.76 -18.52
CA GLN B 64 7.80 20.23 -19.49
CA GLN B 64 7.82 20.36 -19.48
C GLN B 64 6.49 20.67 -18.81
C GLN B 64 6.54 20.77 -18.76
N PRO B 65 5.71 21.59 -19.42
CA PRO B 65 4.38 21.90 -18.90
C PRO B 65 3.54 20.63 -18.91
N ALA B 66 2.74 20.44 -17.85
CA ALA B 66 1.79 19.34 -17.82
C ALA B 66 0.83 19.39 -19.00
N ARG B 67 0.39 18.20 -19.41
CA ARG B 67 -0.56 18.05 -20.50
C ARG B 67 -1.76 18.99 -20.34
N LEU B 68 -2.31 19.17 -19.12
CA LEU B 68 -3.51 19.98 -18.93
C LEU B 68 -3.23 21.36 -18.39
N SER B 69 -1.97 21.80 -18.37
CA SER B 69 -1.58 23.14 -17.94
C SER B 69 -2.35 24.16 -18.76
N PRO B 70 -3.09 25.11 -18.13
CA PRO B 70 -3.82 26.12 -18.89
C PRO B 70 -2.83 27.07 -19.56
N ASN B 71 -1.71 27.38 -18.88
CA ASN B 71 -0.77 28.43 -19.27
C ASN B 71 0.51 27.89 -19.93
N GLN B 72 0.72 26.56 -19.99
CA GLN B 72 1.85 25.96 -20.68
C GLN B 72 3.21 26.47 -20.17
N ALA B 73 3.34 26.78 -18.86
CA ALA B 73 4.63 27.15 -18.29
C ALA B 73 5.45 25.88 -18.05
N ALA B 74 6.77 25.97 -18.29
CA ALA B 74 7.68 24.91 -17.88
C ALA B 74 7.96 25.05 -16.38
N THR B 75 8.64 24.06 -15.80
CA THR B 75 9.03 24.11 -14.39
C THR B 75 10.50 23.74 -14.22
N ALA B 76 11.16 24.59 -13.44
CA ALA B 76 12.49 24.31 -12.94
C ALA B 76 12.40 23.82 -11.51
N LEU B 77 13.05 22.68 -11.24
CA LEU B 77 13.16 22.07 -9.92
C LEU B 77 14.57 22.24 -9.40
N ASP B 78 14.68 22.78 -8.19
CA ASP B 78 15.93 22.86 -7.48
C ASP B 78 15.85 21.96 -6.24
N ILE B 79 16.59 20.85 -6.27
CA ILE B 79 16.47 19.77 -5.31
C ILE B 79 17.73 19.69 -4.44
N ARG B 80 17.51 19.70 -3.11
CA ARG B 80 18.57 19.67 -2.12
C ARG B 80 18.19 18.67 -1.03
N GLY B 81 18.65 17.43 -1.20
CA GLY B 81 18.29 16.34 -0.32
C GLY B 81 16.80 16.04 -0.45
N SER B 82 16.10 16.20 0.66
CA SER B 82 14.68 15.90 0.69
C SER B 82 13.86 17.18 0.58
N ARG B 83 14.50 18.31 0.23
CA ARG B 83 13.81 19.59 0.04
C ARG B 83 13.87 20.03 -1.44
N ILE B 84 12.87 20.79 -1.87
CA ILE B 84 12.72 21.19 -3.26
C ILE B 84 12.09 22.58 -3.33
N ILE B 85 12.73 23.41 -4.15
CA ILE B 85 12.22 24.70 -4.61
C ILE B 85 11.78 24.55 -6.08
N THR B 86 10.59 25.03 -6.38
CA THR B 86 9.99 24.94 -7.69
C THR B 86 9.64 26.36 -8.18
N ASN B 87 9.90 26.55 -9.49
CA ASN B 87 9.58 27.78 -10.20
C ASN B 87 9.07 27.42 -11.59
N ASP B 88 7.83 27.77 -11.91
CA ASP B 88 7.39 27.72 -13.29
C ASP B 88 8.14 28.82 -14.04
N PHE B 89 8.35 28.66 -15.35
CA PHE B 89 8.91 29.74 -16.14
C PHE B 89 8.31 29.74 -17.56
N VAL B 90 8.25 30.95 -18.14
CA VAL B 90 7.98 31.16 -19.57
C VAL B 90 9.01 32.15 -20.16
N GLY B 91 9.13 32.13 -21.50
CA GLY B 91 9.89 33.12 -22.25
C GLY B 91 9.34 34.52 -22.03
N GLY B 92 10.21 35.51 -21.92
CA GLY B 92 9.79 36.89 -22.00
C GLY B 92 10.66 37.70 -22.96
N PRO B 93 10.39 39.02 -23.04
CA PRO B 93 11.25 39.96 -23.76
C PRO B 93 12.74 39.96 -23.44
N ASN B 94 13.56 40.31 -24.44
CA ASN B 94 15.00 40.50 -24.31
C ASN B 94 15.73 39.21 -23.89
N ASN B 95 15.26 38.07 -24.41
CA ASN B 95 15.82 36.74 -24.12
C ASN B 95 15.71 36.36 -22.63
N SER B 96 14.64 36.82 -21.98
CA SER B 96 14.41 36.59 -20.57
C SER B 96 13.61 35.28 -20.41
N ALA B 97 13.76 34.66 -19.22
CA ALA B 97 12.81 33.73 -18.65
C ALA B 97 12.11 34.41 -17.47
N ILE B 98 10.78 34.36 -17.44
CA ILE B 98 10.03 34.93 -16.33
C ILE B 98 9.60 33.77 -15.43
N LEU B 99 10.05 33.80 -14.18
CA LEU B 99 9.76 32.77 -13.19
C LEU B 99 8.61 33.19 -12.28
N ASN B 100 7.86 32.16 -11.83
CA ASN B 100 6.86 32.21 -10.76
C ASN B 100 7.17 31.12 -9.73
N ASN B 101 7.59 31.55 -8.52
CA ASN B 101 7.74 30.69 -7.38
C ASN B 101 6.41 30.01 -7.02
N CYS B 102 6.42 28.67 -7.04
CA CYS B 102 5.17 27.91 -6.95
C CYS B 102 4.61 27.91 -5.53
N THR B 103 5.46 28.23 -4.54
CA THR B 103 5.08 28.27 -3.12
C THR B 103 4.61 29.68 -2.77
N THR B 104 5.25 30.74 -3.32
CA THR B 104 4.97 32.10 -2.88
C THR B 104 4.27 32.96 -3.94
N GLY B 105 4.30 32.56 -5.23
CA GLY B 105 3.79 33.40 -6.32
C GLY B 105 4.67 34.62 -6.65
N GLU B 106 5.82 34.76 -5.98
CA GLU B 106 6.77 35.80 -6.32
C GLU B 106 7.34 35.61 -7.75
N LYS B 107 7.54 36.73 -8.47
CA LYS B 107 8.07 36.71 -9.82
C LYS B 107 9.52 37.15 -9.86
N ALA B 108 10.28 36.68 -10.84
CA ALA B 108 11.64 37.14 -11.08
C ALA B 108 11.93 37.08 -12.58
N THR B 109 12.78 38.00 -13.06
CA THR B 109 13.19 38.01 -14.45
C THR B 109 14.63 37.51 -14.51
N TRP B 110 14.85 36.42 -15.25
CA TRP B 110 16.18 35.82 -15.40
C TRP B 110 16.69 35.95 -16.83
N TYR B 111 18.01 35.81 -16.98
CA TYR B 111 18.64 35.74 -18.29
C TYR B 111 19.74 34.69 -18.29
N PHE B 112 20.13 34.23 -19.49
CA PHE B 112 21.28 33.35 -19.65
C PHE B 112 22.51 34.13 -20.10
N GLN B 113 23.58 34.02 -19.31
CA GLN B 113 24.86 34.64 -19.62
C GLN B 113 25.48 33.91 -20.80
N TYR B 114 25.40 32.57 -20.73
CA TYR B 114 25.57 31.70 -21.89
C TYR B 114 24.84 30.37 -21.64
N THR B 115 24.63 29.62 -22.72
CA THR B 115 24.31 28.21 -22.66
C THR B 115 25.18 27.41 -23.62
N ASN B 116 25.53 26.18 -23.22
CA ASN B 116 26.28 25.25 -24.03
C ASN B 116 25.74 23.86 -23.76
N LEU B 117 24.50 23.60 -24.24
CA LEU B 117 23.76 22.39 -23.91
C LEU B 117 24.07 21.29 -24.93
N ASN B 118 24.32 20.09 -24.39
CA ASN B 118 24.32 18.86 -25.17
C ASN B 118 25.45 18.87 -26.17
N THR B 119 26.64 19.32 -25.76
CA THR B 119 27.82 19.12 -26.60
C THR B 119 28.23 17.65 -26.49
N PRO B 120 29.24 17.19 -27.24
CA PRO B 120 29.81 15.89 -26.98
C PRO B 120 30.54 15.74 -25.63
N ASN B 121 30.72 16.86 -24.88
CA ASN B 121 31.25 16.83 -23.52
C ASN B 121 30.17 17.23 -22.51
N GLY B 122 28.89 17.13 -22.92
CA GLY B 122 27.80 17.40 -22.00
C GLY B 122 27.38 18.85 -22.02
N SER B 123 26.68 19.26 -20.97
CA SER B 123 25.93 20.51 -20.92
C SER B 123 26.48 21.42 -19.82
N SER B 124 26.45 22.75 -20.03
CA SER B 124 26.69 23.74 -19.01
C SER B 124 25.91 24.99 -19.40
N TYR B 125 25.59 25.83 -18.40
CA TYR B 125 25.06 27.16 -18.64
C TYR B 125 25.30 27.98 -17.38
N CYS B 126 25.18 29.31 -17.50
CA CYS B 126 25.13 30.19 -16.34
C CYS B 126 23.98 31.16 -16.58
N ALA B 127 23.15 31.33 -15.56
CA ALA B 127 21.98 32.17 -15.59
C ALA B 127 22.03 33.09 -14.36
N TYR B 128 21.26 34.17 -14.39
CA TYR B 128 21.31 35.20 -13.36
C TYR B 128 20.01 36.00 -13.36
N THR B 129 19.81 36.71 -12.25
CA THR B 129 18.74 37.70 -12.08
C THR B 129 19.34 38.88 -11.32
N CYS B 130 18.83 40.07 -11.62
CA CYS B 130 19.48 41.34 -11.32
C CYS B 130 18.63 42.11 -10.31
N ASN B 131 19.32 42.80 -9.40
CA ASN B 131 18.74 43.91 -8.66
C ASN B 131 19.37 45.19 -9.21
N GLY B 132 18.76 45.73 -10.28
CA GLY B 132 19.30 46.82 -11.09
C GLY B 132 20.68 46.52 -11.68
N GLU B 133 21.70 47.11 -11.07
CA GLU B 133 23.08 46.97 -11.51
C GLU B 133 23.80 45.85 -10.75
N GLU B 134 23.17 45.39 -9.67
CA GLU B 134 23.78 44.40 -8.80
C GLU B 134 23.15 43.03 -9.13
N ILE B 135 23.90 41.95 -8.92
CA ILE B 135 23.40 40.62 -9.21
C ILE B 135 22.70 40.06 -7.96
N ALA B 136 21.40 39.72 -8.08
CA ALA B 136 20.62 39.19 -6.96
C ALA B 136 20.82 37.66 -6.80
N GLU B 137 20.88 36.89 -7.92
CA GLU B 137 21.11 35.45 -7.84
C GLU B 137 21.86 34.98 -9.09
N TYR B 138 22.68 33.95 -8.93
CA TYR B 138 23.52 33.41 -9.99
C TYR B 138 23.53 31.89 -9.89
N LYS B 139 23.36 31.20 -11.03
CA LYS B 139 23.42 29.74 -11.06
C LYS B 139 24.14 29.27 -12.31
N CYS B 140 25.24 28.57 -12.10
CA CYS B 140 25.97 27.90 -13.15
C CYS B 140 25.78 26.41 -12.92
N ALA B 141 25.17 25.75 -13.92
CA ALA B 141 24.90 24.32 -13.87
C ALA B 141 25.68 23.59 -14.96
N ASN B 142 25.98 22.31 -14.69
CA ASN B 142 26.64 21.42 -15.62
C ASN B 142 26.30 19.97 -15.29
N ASN B 143 26.62 19.08 -16.24
CA ASN B 143 26.59 17.63 -16.01
C ASN B 143 27.92 17.00 -16.40
N ASN B 144 29.00 17.80 -16.38
CA ASN B 144 30.32 17.33 -16.79
C ASN B 144 31.44 17.63 -15.77
N ASN B 145 31.05 17.88 -14.51
CA ASN B 145 31.92 18.29 -13.41
C ASN B 145 32.79 19.49 -13.71
N GLY B 146 32.19 20.50 -14.33
CA GLY B 146 32.77 21.82 -14.42
C GLY B 146 33.90 21.89 -15.44
N THR B 147 33.97 21.02 -16.46
CA THR B 147 35.06 21.01 -17.43
C THR B 147 34.84 21.95 -18.63
N ASP B 148 33.66 22.58 -18.75
CA ASP B 148 33.41 23.46 -19.90
C ASP B 148 34.18 24.79 -19.73
N PRO B 149 35.14 25.14 -20.61
CA PRO B 149 35.90 26.40 -20.53
C PRO B 149 35.04 27.65 -20.49
N LEU B 150 33.82 27.56 -21.03
CA LEU B 150 32.92 28.69 -21.02
C LEU B 150 32.48 29.03 -19.60
N GLN B 151 32.43 28.01 -18.71
CA GLN B 151 31.86 28.22 -17.39
C GLN B 151 32.83 29.03 -16.51
N LYS B 152 34.13 28.75 -16.68
CA LYS B 152 35.24 29.44 -16.02
C LYS B 152 35.23 30.93 -16.34
N GLN B 153 35.28 31.27 -17.65
CA GLN B 153 35.20 32.64 -18.16
C GLN B 153 33.99 33.37 -17.59
N ALA B 154 32.83 32.68 -17.62
CA ALA B 154 31.56 33.27 -17.25
C ALA B 154 31.54 33.65 -15.77
N VAL B 155 32.04 32.76 -14.91
CA VAL B 155 32.03 33.00 -13.48
C VAL B 155 32.98 34.18 -13.14
N GLU B 156 34.17 34.21 -13.76
CA GLU B 156 35.15 35.30 -13.58
C GLU B 156 34.51 36.66 -13.87
N VAL B 157 33.72 36.71 -14.96
CA VAL B 157 33.04 37.93 -15.36
C VAL B 157 32.00 38.29 -14.33
N ALA B 158 31.19 37.32 -13.90
CA ALA B 158 30.03 37.61 -13.07
C ALA B 158 30.46 38.07 -11.68
N LYS B 159 31.60 37.58 -11.19
CA LYS B 159 31.89 37.82 -9.80
C LYS B 159 32.53 39.21 -9.64
N LYS B 160 32.79 39.92 -10.77
CA LYS B 160 33.21 41.31 -10.76
C LYS B 160 32.01 42.26 -10.87
N VAL B 161 30.76 41.78 -11.03
CA VAL B 161 29.66 42.73 -11.03
C VAL B 161 29.31 42.99 -9.56
N PRO B 162 28.64 44.12 -9.23
CA PRO B 162 28.36 44.44 -7.83
C PRO B 162 27.52 43.33 -7.18
N ASN B 163 28.01 42.87 -6.02
CA ASN B 163 27.40 41.81 -5.21
C ASN B 163 27.82 40.43 -5.71
N GLY B 164 28.63 40.39 -6.77
CA GLY B 164 29.16 39.16 -7.33
C GLY B 164 30.27 38.55 -6.49
N ASP B 165 30.73 39.29 -5.47
CA ASP B 165 31.67 38.79 -4.48
C ASP B 165 31.06 37.57 -3.76
N LYS B 166 29.74 37.53 -3.59
CA LYS B 166 29.03 36.43 -2.94
C LYS B 166 29.05 35.11 -3.72
N ILE B 167 29.35 35.15 -5.02
CA ILE B 167 29.33 33.97 -5.88
C ILE B 167 30.43 33.00 -5.45
N HIS B 168 30.08 31.73 -5.22
CA HIS B 168 31.01 30.77 -4.64
C HIS B 168 30.79 29.38 -5.23
N TYR B 169 31.83 28.52 -5.16
CA TYR B 169 31.71 27.12 -5.54
C TYR B 169 30.70 26.44 -4.59
N ALA B 170 29.76 25.65 -5.14
CA ALA B 170 28.54 25.31 -4.41
C ALA B 170 28.53 23.86 -3.97
N LEU B 171 29.59 23.14 -4.27
CA LEU B 171 29.54 21.70 -4.15
C LEU B 171 30.64 21.18 -3.21
N ASP B 172 31.18 22.03 -2.32
CA ASP B 172 32.41 21.68 -1.60
C ASP B 172 32.21 20.51 -0.65
N ASN B 173 31.22 20.63 0.24
CA ASN B 173 31.21 19.76 1.42
C ASN B 173 29.80 19.21 1.60
N CYS B 174 29.33 18.40 0.63
CA CYS B 174 27.90 18.13 0.49
C CYS B 174 27.56 16.83 1.23
N PRO B 175 26.29 16.58 1.66
CA PRO B 175 25.95 15.36 2.40
C PRO B 175 26.38 14.09 1.68
N GLU B 176 26.64 13.03 2.45
CA GLU B 176 26.97 11.76 1.84
C GLU B 176 25.71 11.16 1.22
N HIS B 177 25.93 10.29 0.25
CA HIS B 177 24.88 9.64 -0.53
C HIS B 177 24.57 8.28 0.08
N HIS B 178 23.43 7.68 -0.31
CA HIS B 178 23.04 6.32 0.03
C HIS B 178 22.64 5.54 -1.23
N GLY B 179 23.54 5.56 -2.22
CA GLY B 179 23.45 4.66 -3.35
C GLY B 179 22.98 5.31 -4.65
N CYS B 180 22.55 6.59 -4.61
CA CYS B 180 22.16 7.29 -5.82
C CYS B 180 23.24 8.31 -6.21
N PHE B 181 23.41 8.53 -7.52
CA PHE B 181 24.50 9.36 -8.03
C PHE B 181 24.16 10.85 -7.83
N ALA B 182 22.95 11.28 -8.19
CA ALA B 182 22.68 12.70 -8.30
C ALA B 182 21.65 13.21 -7.26
N PHE B 183 21.25 12.33 -6.32
CA PHE B 183 20.33 12.69 -5.24
C PHE B 183 20.83 12.04 -3.95
N TYR B 184 20.45 12.64 -2.81
CA TYR B 184 20.93 12.19 -1.51
C TYR B 184 19.84 12.48 -0.45
N MET C 23 -32.53 13.32 9.85
CA MET C 23 -31.84 12.21 10.60
C MET C 23 -30.35 12.24 10.23
N THR C 24 -29.50 12.42 11.23
CA THR C 24 -28.06 12.47 10.99
C THR C 24 -27.42 11.30 11.75
N CYS C 25 -26.16 10.97 11.41
CA CYS C 25 -25.48 9.77 11.92
C CYS C 25 -25.38 9.75 13.45
N ASP C 26 -25.07 10.91 14.03
CA ASP C 26 -24.96 11.05 15.48
C ASP C 26 -26.31 10.76 16.17
N LYS C 27 -27.45 10.74 15.46
CA LYS C 27 -28.74 10.50 16.11
C LYS C 27 -29.27 9.11 15.76
N LEU C 28 -28.46 8.25 15.16
CA LEU C 28 -29.00 6.94 14.81
C LEU C 28 -29.20 6.18 16.11
N PRO C 29 -30.04 5.12 16.13
CA PRO C 29 -30.15 4.25 17.31
C PRO C 29 -28.81 3.59 17.65
N LYS C 30 -28.69 3.27 18.94
CA LYS C 30 -27.56 2.57 19.55
C LYS C 30 -28.09 1.49 20.51
N VAL C 31 -28.33 0.29 19.97
CA VAL C 31 -28.79 -0.81 20.78
C VAL C 31 -27.61 -1.38 21.58
N PRO C 32 -27.88 -2.09 22.69
CA PRO C 32 -26.84 -2.73 23.49
C PRO C 32 -26.14 -3.77 22.61
N VAL C 33 -24.81 -3.77 22.68
CA VAL C 33 -23.97 -4.79 22.06
C VAL C 33 -24.36 -6.12 22.70
N PRO C 34 -24.85 -7.11 21.92
CA PRO C 34 -25.10 -8.43 22.48
C PRO C 34 -23.85 -9.06 23.08
N PRO C 35 -24.02 -10.03 24.00
CA PRO C 35 -22.89 -10.81 24.49
C PRO C 35 -22.14 -11.43 23.31
N LEU C 36 -20.82 -11.48 23.43
CA LEU C 36 -19.97 -11.98 22.36
C LEU C 36 -20.38 -13.36 21.88
N GLU C 37 -20.80 -14.24 22.81
CA GLU C 37 -21.24 -15.57 22.45
C GLU C 37 -22.31 -15.52 21.36
N GLU C 38 -23.19 -14.51 21.38
CA GLU C 38 -24.29 -14.44 20.42
C GLU C 38 -23.72 -14.17 19.02
N PHE C 39 -22.65 -13.36 18.96
CA PHE C 39 -21.94 -13.10 17.70
C PHE C 39 -21.28 -14.36 17.16
N ILE C 40 -20.61 -15.07 18.04
CA ILE C 40 -19.85 -16.23 17.60
C ILE C 40 -20.80 -17.32 17.13
N LYS C 41 -21.96 -17.44 17.80
CA LYS C 41 -22.96 -18.41 17.40
C LYS C 41 -23.54 -18.07 16.03
N SER C 42 -23.45 -16.81 15.59
CA SER C 42 -23.92 -16.36 14.28
C SER C 42 -22.94 -16.65 13.14
N ASN C 43 -21.66 -16.92 13.45
CA ASN C 43 -20.61 -17.06 12.45
C ASN C 43 -20.94 -18.17 11.49
N PRO C 44 -20.59 -18.08 10.19
CA PRO C 44 -20.13 -16.85 9.54
C PRO C 44 -21.33 -16.06 9.02
N LEU C 45 -21.14 -14.76 8.89
CA LEU C 45 -22.12 -13.89 8.28
C LEU C 45 -21.59 -13.36 6.93
N GLN C 46 -22.53 -12.79 6.15
CA GLN C 46 -22.20 -12.03 4.95
C GLN C 46 -22.71 -10.61 5.12
N PHE C 47 -22.04 -9.62 4.51
CA PHE C 47 -22.58 -8.27 4.49
C PHE C 47 -23.47 -8.10 3.26
N ALA C 48 -24.75 -7.81 3.53
CA ALA C 48 -25.74 -7.61 2.49
C ALA C 48 -25.70 -6.16 2.01
N TYR C 49 -25.48 -5.19 2.92
CA TYR C 49 -25.47 -3.78 2.59
C TYR C 49 -24.30 -3.12 3.29
N VAL C 50 -23.53 -2.34 2.52
CA VAL C 50 -22.38 -1.64 3.05
C VAL C 50 -22.28 -0.25 2.41
N LEU C 51 -21.41 0.59 2.97
CA LEU C 51 -21.21 1.93 2.43
C LEU C 51 -20.06 1.94 1.41
N THR C 52 -18.82 1.82 1.86
CA THR C 52 -17.71 1.80 0.90
C THR C 52 -17.67 0.43 0.23
N ASP C 53 -16.94 0.38 -0.90
CA ASP C 53 -16.71 -0.77 -1.75
C ASP C 53 -15.83 -1.83 -1.03
N THR C 54 -15.09 -1.43 -0.01
CA THR C 54 -14.14 -2.28 0.71
C THR C 54 -14.82 -3.57 1.19
N PHE C 55 -16.10 -3.45 1.60
CA PHE C 55 -16.78 -4.54 2.30
C PHE C 55 -17.78 -5.24 1.41
N ASP C 56 -17.64 -5.03 0.08
CA ASP C 56 -18.32 -5.88 -0.88
C ASP C 56 -17.79 -7.29 -0.78
N CYS C 57 -18.67 -8.24 -1.13
CA CYS C 57 -18.39 -9.66 -1.29
C CYS C 57 -17.62 -10.24 -0.11
N THR C 58 -18.07 -9.89 1.10
CA THR C 58 -17.30 -10.15 2.29
C THR C 58 -18.07 -11.05 3.28
N THR C 59 -17.29 -11.90 3.97
CA THR C 59 -17.70 -12.80 5.05
C THR C 59 -17.08 -12.28 6.33
N ARG C 60 -17.94 -12.15 7.34
CA ARG C 60 -17.60 -11.73 8.68
C ARG C 60 -17.51 -12.97 9.60
N VAL C 61 -16.40 -13.03 10.37
CA VAL C 61 -16.22 -13.99 11.45
C VAL C 61 -15.74 -13.25 12.68
N TYR C 62 -16.41 -13.52 13.80
CA TYR C 62 -16.03 -13.04 15.11
C TYR C 62 -15.20 -14.06 15.87
N VAL C 63 -14.22 -13.56 16.61
CA VAL C 63 -13.31 -14.38 17.40
C VAL C 63 -13.24 -13.84 18.82
N GLN C 64 -13.27 -14.78 19.76
N GLN C 64 -13.26 -14.78 19.77
CA GLN C 64 -13.06 -14.46 21.17
CA GLN C 64 -13.08 -14.43 21.17
C GLN C 64 -11.64 -13.96 21.39
C GLN C 64 -11.63 -13.96 21.39
N PRO C 65 -11.36 -13.26 22.52
CA PRO C 65 -10.01 -12.88 22.90
C PRO C 65 -9.17 -14.14 23.06
N ALA C 66 -7.89 -14.07 22.67
CA ALA C 66 -6.93 -15.13 22.94
C ALA C 66 -6.84 -15.32 24.45
N ARG C 67 -6.64 -16.58 24.81
CA ARG C 67 -6.43 -17.03 26.17
C ARG C 67 -5.39 -16.14 26.88
N LEU C 68 -4.27 -15.85 26.20
CA LEU C 68 -3.19 -15.08 26.81
C LEU C 68 -3.35 -13.57 26.64
N SER C 69 -4.35 -13.08 25.89
CA SER C 69 -4.53 -11.65 25.67
C SER C 69 -4.57 -10.87 27.00
N PRO C 70 -3.71 -9.85 27.20
CA PRO C 70 -3.80 -8.98 28.37
C PRO C 70 -5.06 -8.10 28.37
N ASN C 71 -5.51 -7.59 27.20
CA ASN C 71 -6.65 -6.67 27.20
C ASN C 71 -7.99 -7.40 26.96
N GLN C 72 -7.97 -8.68 26.60
CA GLN C 72 -9.17 -9.47 26.38
C GLN C 72 -10.11 -8.85 25.33
N ALA C 73 -9.55 -8.15 24.31
CA ALA C 73 -10.34 -7.68 23.17
C ALA C 73 -10.75 -8.87 22.30
N ALA C 74 -12.00 -8.82 21.82
CA ALA C 74 -12.47 -9.71 20.78
C ALA C 74 -11.95 -9.21 19.43
N THR C 75 -12.16 -10.00 18.37
CA THR C 75 -11.66 -9.63 17.05
C THR C 75 -12.73 -9.86 16.00
N ALA C 76 -12.96 -8.85 15.15
CA ALA C 76 -13.80 -9.03 13.97
C ALA C 76 -12.91 -9.22 12.72
N LEU C 77 -13.20 -10.29 12.01
CA LEU C 77 -12.53 -10.65 10.78
C LEU C 77 -13.45 -10.36 9.59
N ASP C 78 -12.96 -9.56 8.65
CA ASP C 78 -13.61 -9.27 7.38
C ASP C 78 -12.83 -9.92 6.25
N ILE C 79 -13.43 -10.94 5.65
CA ILE C 79 -12.74 -11.85 4.77
C ILE C 79 -13.37 -11.74 3.37
N ARG C 80 -12.50 -11.42 2.39
CA ARG C 80 -12.89 -11.29 0.99
C ARG C 80 -11.84 -11.97 0.14
N GLY C 81 -12.13 -13.20 -0.27
CA GLY C 81 -11.18 -14.05 -0.97
C GLY C 81 -9.98 -14.35 -0.09
N SER C 82 -8.76 -13.95 -0.55
CA SER C 82 -7.51 -14.22 0.15
C SER C 82 -7.12 -13.04 1.06
N ARG C 83 -7.96 -12.01 1.09
CA ARG C 83 -7.69 -10.84 1.88
C ARG C 83 -8.46 -10.91 3.20
N ILE C 84 -7.78 -10.49 4.27
CA ILE C 84 -8.46 -10.39 5.55
C ILE C 84 -8.13 -9.02 6.14
N ILE C 85 -9.18 -8.34 6.63
CA ILE C 85 -9.08 -7.14 7.45
C ILE C 85 -9.48 -7.51 8.88
N THR C 86 -8.70 -7.08 9.89
CA THR C 86 -8.87 -7.56 11.26
C THR C 86 -8.93 -6.33 12.15
N ASN C 87 -9.88 -6.32 13.07
CA ASN C 87 -10.05 -5.23 14.01
C ASN C 87 -10.36 -5.87 15.38
N ASP C 88 -9.50 -5.66 16.36
CA ASP C 88 -9.88 -5.94 17.74
C ASP C 88 -10.96 -4.97 18.16
N PHE C 89 -11.83 -5.38 19.12
CA PHE C 89 -12.83 -4.46 19.62
C PHE C 89 -13.15 -4.76 21.07
N VAL C 90 -13.58 -3.71 21.78
CA VAL C 90 -14.10 -3.81 23.13
C VAL C 90 -15.30 -2.89 23.27
N GLY C 91 -16.08 -3.13 24.32
CA GLY C 91 -17.19 -2.27 24.70
C GLY C 91 -16.74 -0.86 25.07
N GLY C 92 -17.50 0.16 24.65
CA GLY C 92 -17.26 1.52 25.08
C GLY C 92 -18.51 2.14 25.72
N PRO C 93 -18.48 3.45 26.05
CA PRO C 93 -19.68 4.16 26.48
C PRO C 93 -20.74 4.34 25.38
N ASN C 94 -21.99 4.49 25.83
CA ASN C 94 -23.15 4.74 24.99
C ASN C 94 -23.41 3.58 24.03
N ASN C 95 -23.16 2.36 24.46
CA ASN C 95 -23.40 1.15 23.68
C ASN C 95 -22.48 1.10 22.45
N SER C 96 -21.27 1.66 22.59
CA SER C 96 -20.30 1.64 21.51
C SER C 96 -19.45 0.38 21.54
N ALA C 97 -18.85 0.08 20.39
CA ALA C 97 -17.74 -0.83 20.24
C ALA C 97 -16.56 -0.02 19.70
N ILE C 98 -15.44 -0.10 20.42
CA ILE C 98 -14.24 0.60 20.03
C ILE C 98 -13.34 -0.38 19.28
N LEU C 99 -13.02 -0.05 18.01
CA LEU C 99 -12.19 -0.92 17.16
C LEU C 99 -10.76 -0.41 17.12
N ASN C 100 -9.82 -1.37 17.01
CA ASN C 100 -8.41 -1.13 16.76
C ASN C 100 -8.00 -1.94 15.54
N ASN C 101 -7.69 -1.25 14.41
CA ASN C 101 -7.20 -1.89 13.21
C ASN C 101 -5.88 -2.58 13.53
N CYS C 102 -5.79 -3.88 13.25
CA CYS C 102 -4.62 -4.64 13.72
C CYS C 102 -3.35 -4.38 12.91
N THR C 103 -3.51 -3.76 11.72
CA THR C 103 -2.37 -3.38 10.90
C THR C 103 -1.86 -1.96 11.21
N THR C 104 -2.68 -1.04 11.78
CA THR C 104 -2.35 0.39 11.84
C THR C 104 -2.50 0.98 13.25
N GLY C 105 -3.27 0.35 14.13
CA GLY C 105 -3.48 0.92 15.45
C GLY C 105 -4.49 2.06 15.43
N GLU C 106 -5.11 2.29 14.28
CA GLU C 106 -6.17 3.28 14.18
C GLU C 106 -7.44 2.78 14.88
N LYS C 107 -8.11 3.69 15.60
CA LYS C 107 -9.32 3.41 16.37
C LYS C 107 -10.53 4.00 15.64
N ALA C 108 -11.70 3.39 15.86
CA ALA C 108 -12.95 3.94 15.38
C ALA C 108 -14.04 3.54 16.36
N THR C 109 -15.07 4.38 16.47
CA THR C 109 -16.19 4.18 17.37
C THR C 109 -17.40 3.74 16.56
N TRP C 110 -17.87 2.54 16.86
CA TRP C 110 -18.98 1.93 16.13
C TRP C 110 -20.19 1.75 17.06
N TYR C 111 -21.37 1.65 16.45
CA TYR C 111 -22.58 1.34 17.19
C TYR C 111 -23.43 0.36 16.40
N PHE C 112 -24.42 -0.24 17.07
CA PHE C 112 -25.41 -1.03 16.36
C PHE C 112 -26.72 -0.26 16.26
N GLN C 113 -27.16 -0.16 15.02
CA GLN C 113 -28.46 0.39 14.71
C GLN C 113 -29.54 -0.57 15.24
N TYR C 114 -29.32 -1.89 15.04
CA TYR C 114 -30.14 -2.95 15.61
C TYR C 114 -29.35 -4.27 15.56
N THR C 115 -29.71 -5.21 16.44
CA THR C 115 -29.25 -6.57 16.37
C THR C 115 -30.47 -7.48 16.47
N ASN C 116 -30.38 -8.62 15.79
CA ASN C 116 -31.40 -9.66 15.79
C ASN C 116 -30.71 -10.99 15.56
N LEU C 117 -30.00 -11.46 16.61
CA LEU C 117 -29.12 -12.60 16.48
C LEU C 117 -29.81 -13.89 16.94
N ASN C 118 -29.61 -14.95 16.15
CA ASN C 118 -29.94 -16.33 16.52
C ASN C 118 -31.46 -16.46 16.75
N THR C 119 -32.27 -15.86 15.88
CA THR C 119 -33.69 -16.14 15.79
C THR C 119 -33.88 -17.47 15.09
N PRO C 120 -35.11 -18.02 15.08
CA PRO C 120 -35.37 -19.23 14.28
C PRO C 120 -35.15 -19.07 12.78
N ASN C 121 -34.99 -17.83 12.31
CA ASN C 121 -34.70 -17.55 10.91
C ASN C 121 -33.25 -17.02 10.77
N GLY C 122 -32.41 -17.27 11.79
CA GLY C 122 -31.01 -16.86 11.74
C GLY C 122 -30.77 -15.48 12.34
N SER C 123 -29.65 -14.88 11.91
CA SER C 123 -29.12 -13.67 12.52
C SER C 123 -29.02 -12.53 11.51
N SER C 124 -29.26 -11.32 12.00
CA SER C 124 -28.93 -10.11 11.27
C SER C 124 -28.60 -8.99 12.25
N TYR C 125 -27.87 -8.00 11.73
CA TYR C 125 -27.60 -6.77 12.46
C TYR C 125 -27.21 -5.70 11.44
N CYS C 126 -27.29 -4.43 11.82
CA CYS C 126 -26.70 -3.33 11.08
C CYS C 126 -25.92 -2.46 12.05
N ALA C 127 -24.66 -2.17 11.70
CA ALA C 127 -23.74 -1.39 12.51
C ALA C 127 -23.14 -0.27 11.65
N TYR C 128 -22.63 0.76 12.31
CA TYR C 128 -22.19 1.94 11.59
C TYR C 128 -21.14 2.66 12.43
N THR C 129 -20.39 3.54 11.74
CA THR C 129 -19.46 4.47 12.39
C THR C 129 -19.63 5.84 11.75
N CYS C 130 -19.46 6.91 12.54
CA CYS C 130 -19.84 8.25 12.10
C CYS C 130 -18.61 9.12 11.81
N ASN C 131 -18.78 10.11 10.93
CA ASN C 131 -17.90 11.28 10.89
C ASN C 131 -18.77 12.50 11.22
N GLY C 132 -18.89 12.82 12.52
CA GLY C 132 -19.87 13.78 13.00
C GLY C 132 -21.29 13.39 12.60
N GLU C 133 -21.83 14.10 11.59
CA GLU C 133 -23.22 13.93 11.20
C GLU C 133 -23.39 13.02 9.99
N GLU C 134 -22.29 12.75 9.28
CA GLU C 134 -22.37 11.84 8.17
C GLU C 134 -21.95 10.43 8.60
N ILE C 135 -22.37 9.46 7.80
CA ILE C 135 -22.00 8.09 8.07
C ILE C 135 -20.73 7.79 7.25
N ALA C 136 -19.67 7.32 7.95
CA ALA C 136 -18.40 6.98 7.32
C ALA C 136 -18.39 5.52 6.84
N GLU C 137 -18.93 4.56 7.63
CA GLU C 137 -19.06 3.20 7.15
C GLU C 137 -20.32 2.56 7.75
N TYR C 138 -20.92 1.65 7.00
CA TYR C 138 -22.14 0.94 7.34
C TYR C 138 -21.92 -0.52 6.95
N LYS C 139 -22.24 -1.43 7.90
CA LYS C 139 -22.23 -2.86 7.61
C LYS C 139 -23.52 -3.52 8.12
N CYS C 140 -24.31 -4.12 7.22
CA CYS C 140 -25.45 -4.93 7.59
C CYS C 140 -25.15 -6.36 7.23
N ALA C 141 -25.07 -7.20 8.28
CA ALA C 141 -24.72 -8.59 8.13
C ALA C 141 -25.92 -9.50 8.39
N ASN C 142 -25.92 -10.68 7.78
CA ASN C 142 -26.86 -11.74 8.11
C ASN C 142 -26.31 -13.10 7.68
N ASN C 143 -27.02 -14.17 8.08
CA ASN C 143 -26.76 -15.54 7.65
C ASN C 143 -28.06 -16.19 7.17
N ASN C 144 -28.94 -15.39 6.55
CA ASN C 144 -30.26 -15.85 6.15
C ASN C 144 -30.65 -15.30 4.77
N ASN C 145 -29.65 -14.93 3.95
CA ASN C 145 -29.89 -14.33 2.63
C ASN C 145 -30.81 -13.12 2.68
N GLY C 146 -30.60 -12.26 3.67
CA GLY C 146 -31.15 -10.93 3.65
C GLY C 146 -32.66 -10.88 3.87
N THR C 147 -33.25 -11.87 4.58
CA THR C 147 -34.70 -11.99 4.72
C THR C 147 -35.24 -11.33 5.99
N ASP C 148 -34.39 -10.84 6.90
CA ASP C 148 -34.87 -10.21 8.10
C ASP C 148 -35.56 -8.89 7.76
N PRO C 149 -36.87 -8.73 8.05
CA PRO C 149 -37.57 -7.48 7.76
C PRO C 149 -37.02 -6.25 8.47
N LEU C 150 -36.32 -6.44 9.61
CA LEU C 150 -35.67 -5.33 10.29
C LEU C 150 -34.58 -4.72 9.40
N GLN C 151 -33.96 -5.57 8.55
CA GLN C 151 -32.79 -5.16 7.79
C GLN C 151 -33.19 -4.14 6.73
N LYS C 152 -34.30 -4.44 6.02
CA LYS C 152 -34.87 -3.55 5.01
C LYS C 152 -35.17 -2.16 5.57
N GLN C 153 -35.80 -2.05 6.75
CA GLN C 153 -36.16 -0.77 7.33
C GLN C 153 -34.93 0.00 7.84
N ALA C 154 -33.95 -0.71 8.42
CA ALA C 154 -32.73 -0.08 8.89
C ALA C 154 -31.92 0.56 7.74
N VAL C 155 -31.85 -0.12 6.61
CA VAL C 155 -31.13 0.35 5.45
C VAL C 155 -31.81 1.61 4.91
N GLU C 156 -33.16 1.60 4.84
CA GLU C 156 -33.91 2.74 4.32
C GLU C 156 -33.67 3.97 5.19
N VAL C 157 -33.59 3.80 6.52
CA VAL C 157 -33.27 4.91 7.41
C VAL C 157 -31.82 5.39 7.18
N ALA C 158 -30.85 4.47 7.18
CA ALA C 158 -29.45 4.90 7.11
C ALA C 158 -29.14 5.59 5.76
N LYS C 159 -29.80 5.16 4.69
CA LYS C 159 -29.55 5.70 3.35
C LYS C 159 -29.87 7.20 3.30
N LYS C 160 -30.71 7.68 4.24
CA LYS C 160 -31.17 9.07 4.31
C LYS C 160 -30.23 9.92 5.13
N VAL C 161 -29.23 9.38 5.84
CA VAL C 161 -28.38 10.25 6.62
C VAL C 161 -27.31 10.80 5.67
N PRO C 162 -26.63 11.93 5.98
CA PRO C 162 -25.59 12.46 5.09
C PRO C 162 -24.53 11.39 4.79
N ASN C 163 -24.25 11.20 3.48
CA ASN C 163 -23.31 10.25 2.89
C ASN C 163 -23.98 8.88 2.66
N GLY C 164 -25.20 8.70 3.19
CA GLY C 164 -25.86 7.40 3.20
C GLY C 164 -26.31 6.95 1.82
N ASP C 165 -26.31 7.88 0.82
CA ASP C 165 -26.65 7.57 -0.57
C ASP C 165 -25.68 6.53 -1.18
N LYS C 166 -24.46 6.41 -0.65
CA LYS C 166 -23.46 5.43 -1.08
C LYS C 166 -23.77 3.99 -0.61
N ILE C 167 -24.63 3.84 0.42
CA ILE C 167 -24.98 2.53 0.91
C ILE C 167 -25.58 1.73 -0.23
N HIS C 168 -25.12 0.48 -0.44
CA HIS C 168 -25.53 -0.27 -1.61
C HIS C 168 -25.51 -1.74 -1.26
N TYR C 169 -26.19 -2.55 -2.08
CA TYR C 169 -26.20 -3.99 -1.95
C TYR C 169 -24.81 -4.49 -2.33
N ALA C 170 -24.28 -5.41 -1.51
CA ALA C 170 -22.86 -5.70 -1.51
C ALA C 170 -22.53 -7.06 -2.11
N LEU C 171 -23.54 -7.82 -2.59
CA LEU C 171 -23.34 -9.21 -2.97
C LEU C 171 -23.71 -9.49 -4.44
N ASP C 172 -23.64 -8.48 -5.30
CA ASP C 172 -23.84 -8.71 -6.74
C ASP C 172 -22.50 -9.06 -7.40
N ASN C 173 -22.50 -10.10 -8.22
CA ASN C 173 -21.38 -10.47 -9.08
C ASN C 173 -20.13 -10.68 -8.26
N CYS C 174 -20.26 -11.47 -7.20
CA CYS C 174 -19.12 -11.86 -6.39
C CYS C 174 -18.41 -13.03 -7.06
N PRO C 175 -17.12 -13.24 -6.75
CA PRO C 175 -16.36 -14.33 -7.37
C PRO C 175 -17.03 -15.68 -7.15
N GLU C 176 -16.84 -16.52 -8.16
CA GLU C 176 -17.18 -17.93 -8.19
C GLU C 176 -16.39 -18.71 -7.13
N HIS C 177 -17.02 -19.79 -6.63
CA HIS C 177 -16.52 -20.58 -5.50
C HIS C 177 -15.86 -21.83 -6.06
N HIS C 178 -15.08 -22.52 -5.22
CA HIS C 178 -14.46 -23.78 -5.57
C HIS C 178 -14.72 -24.79 -4.46
N GLY C 179 -16.02 -24.98 -4.14
CA GLY C 179 -16.53 -26.09 -3.35
C GLY C 179 -16.78 -25.73 -1.87
N CYS C 180 -16.51 -24.48 -1.47
CA CYS C 180 -16.83 -24.02 -0.13
C CYS C 180 -18.01 -23.07 -0.22
N PHE C 181 -18.85 -23.05 0.81
CA PHE C 181 -20.07 -22.28 0.79
C PHE C 181 -19.84 -20.80 1.11
N ALA C 182 -18.98 -20.46 2.08
CA ALA C 182 -18.96 -19.10 2.64
C ALA C 182 -17.63 -18.40 2.34
N PHE C 183 -16.75 -19.09 1.61
CA PHE C 183 -15.44 -18.56 1.30
C PHE C 183 -15.08 -18.93 -0.13
N TYR C 184 -14.13 -18.17 -0.69
CA TYR C 184 -13.77 -18.34 -2.10
C TYR C 184 -12.32 -17.90 -2.33
N MET D 23 9.20 -45.52 11.44
CA MET D 23 7.93 -44.75 11.52
C MET D 23 7.77 -43.89 10.26
N THR D 24 6.66 -44.13 9.56
CA THR D 24 6.31 -43.42 8.36
C THR D 24 4.93 -42.76 8.56
N CYS D 25 4.61 -41.79 7.69
CA CYS D 25 3.46 -40.93 7.88
C CYS D 25 2.16 -41.73 8.04
N ASP D 26 2.02 -42.80 7.24
CA ASP D 26 0.85 -43.68 7.19
C ASP D 26 0.57 -44.40 8.53
N LYS D 27 1.56 -44.43 9.42
CA LYS D 27 1.48 -45.17 10.68
C LYS D 27 1.32 -44.24 11.87
N LEU D 28 1.38 -42.92 11.65
CA LEU D 28 1.24 -41.98 12.77
C LEU D 28 -0.11 -42.16 13.46
N PRO D 29 -0.25 -41.76 14.75
CA PRO D 29 -1.54 -41.89 15.43
C PRO D 29 -2.65 -41.06 14.76
N LYS D 30 -3.90 -41.54 14.95
CA LYS D 30 -5.12 -40.94 14.45
C LYS D 30 -6.16 -40.89 15.57
N VAL D 31 -6.09 -39.86 16.41
CA VAL D 31 -7.01 -39.75 17.53
C VAL D 31 -8.36 -39.25 16.99
N PRO D 32 -9.48 -39.44 17.75
CA PRO D 32 -10.79 -38.96 17.33
C PRO D 32 -10.75 -37.45 17.18
N VAL D 33 -11.35 -36.98 16.08
CA VAL D 33 -11.54 -35.55 15.89
C VAL D 33 -12.47 -35.05 17.00
N PRO D 34 -12.06 -34.12 17.87
CA PRO D 34 -12.98 -33.59 18.88
C PRO D 34 -14.20 -32.93 18.24
N PRO D 35 -15.31 -32.76 19.00
CA PRO D 35 -16.43 -31.97 18.52
C PRO D 35 -15.94 -30.58 18.10
N LEU D 36 -16.58 -30.02 17.09
CA LEU D 36 -16.26 -28.70 16.58
C LEU D 36 -16.25 -27.64 17.67
N GLU D 37 -17.19 -27.74 18.63
CA GLU D 37 -17.27 -26.74 19.68
C GLU D 37 -15.96 -26.64 20.47
N GLU D 38 -15.25 -27.78 20.66
CA GLU D 38 -13.97 -27.78 21.36
C GLU D 38 -12.92 -26.93 20.59
N PHE D 39 -12.89 -27.08 19.26
CA PHE D 39 -12.02 -26.26 18.40
C PHE D 39 -12.42 -24.80 18.52
N ILE D 40 -13.71 -24.48 18.39
CA ILE D 40 -14.10 -23.07 18.45
C ILE D 40 -13.79 -22.41 19.80
N LYS D 41 -13.92 -23.19 20.90
CA LYS D 41 -13.56 -22.68 22.21
C LYS D 41 -12.08 -22.41 22.37
N SER D 42 -11.25 -23.05 21.54
CA SER D 42 -9.81 -22.84 21.53
C SER D 42 -9.35 -21.62 20.75
N ASN D 43 -10.23 -21.07 19.90
CA ASN D 43 -9.89 -19.95 19.04
C ASN D 43 -9.42 -18.75 19.84
N PRO D 44 -8.47 -17.94 19.34
CA PRO D 44 -7.57 -18.24 18.21
C PRO D 44 -6.35 -19.01 18.68
N LEU D 45 -5.79 -19.84 17.81
CA LEU D 45 -4.58 -20.60 18.09
C LEU D 45 -3.43 -20.03 17.22
N GLN D 46 -2.19 -20.31 17.61
CA GLN D 46 -0.97 -20.02 16.82
C GLN D 46 -0.33 -21.35 16.40
N PHE D 47 0.29 -21.39 15.21
CA PHE D 47 1.03 -22.57 14.81
C PHE D 47 2.48 -22.44 15.28
N ALA D 48 2.88 -23.32 16.21
CA ALA D 48 4.23 -23.31 16.78
C ALA D 48 5.18 -24.11 15.89
N TYR D 49 4.73 -25.23 15.34
CA TYR D 49 5.50 -26.01 14.38
C TYR D 49 4.70 -26.30 13.12
N VAL D 50 5.35 -26.12 11.97
CA VAL D 50 4.77 -26.47 10.68
C VAL D 50 5.84 -27.09 9.78
N LEU D 51 5.43 -27.73 8.67
CA LEU D 51 6.36 -28.21 7.66
C LEU D 51 6.67 -27.10 6.62
N THR D 52 5.71 -26.64 5.79
CA THR D 52 6.01 -25.62 4.77
C THR D 52 5.89 -24.21 5.35
N ASP D 53 6.66 -23.29 4.81
CA ASP D 53 6.78 -22.00 5.44
C ASP D 53 5.59 -21.08 5.10
N THR D 54 4.67 -21.55 4.25
CA THR D 54 3.36 -20.92 4.07
C THR D 54 2.71 -20.68 5.44
N PHE D 55 2.97 -21.57 6.41
CA PHE D 55 2.23 -21.60 7.68
C PHE D 55 3.06 -21.05 8.83
N ASP D 56 4.16 -20.34 8.50
CA ASP D 56 4.85 -19.50 9.47
C ASP D 56 4.01 -18.29 9.90
N CYS D 57 4.24 -17.83 11.12
CA CYS D 57 3.67 -16.59 11.66
C CYS D 57 2.14 -16.51 11.44
N THR D 58 1.45 -17.62 11.76
CA THR D 58 0.09 -17.90 11.35
C THR D 58 -0.77 -18.15 12.60
N THR D 59 -1.95 -17.53 12.58
CA THR D 59 -3.03 -17.72 13.54
C THR D 59 -4.14 -18.56 12.90
N ARG D 60 -4.61 -19.58 13.62
CA ARG D 60 -5.70 -20.44 13.22
C ARG D 60 -6.99 -20.06 13.97
N VAL D 61 -8.07 -19.91 13.17
CA VAL D 61 -9.44 -19.73 13.65
C VAL D 61 -10.33 -20.77 12.95
N TYR D 62 -11.14 -21.45 13.74
CA TYR D 62 -12.16 -22.38 13.30
C TYR D 62 -13.54 -21.71 13.26
N VAL D 63 -14.31 -22.09 12.25
CA VAL D 63 -15.64 -21.55 11.99
C VAL D 63 -16.60 -22.72 11.82
N GLN D 64 -17.77 -22.60 12.48
CA GLN D 64 -18.83 -23.58 12.26
C GLN D 64 -19.37 -23.43 10.85
N PRO D 65 -20.13 -24.45 10.35
CA PRO D 65 -20.76 -24.32 9.05
C PRO D 65 -21.74 -23.14 9.04
N ALA D 66 -21.82 -22.48 7.88
CA ALA D 66 -22.85 -21.48 7.67
C ALA D 66 -24.21 -22.14 7.92
N ARG D 67 -25.11 -21.36 8.49
CA ARG D 67 -26.49 -21.77 8.73
C ARG D 67 -27.11 -22.41 7.48
N LEU D 68 -26.92 -21.75 6.33
CA LEU D 68 -27.52 -22.15 5.08
C LEU D 68 -26.65 -23.14 4.30
N SER D 69 -25.52 -23.62 4.82
CA SER D 69 -24.64 -24.45 4.01
C SER D 69 -25.30 -25.82 3.74
N PRO D 70 -25.44 -26.28 2.47
CA PRO D 70 -25.98 -27.61 2.21
C PRO D 70 -25.14 -28.77 2.75
N ASN D 71 -23.79 -28.65 2.79
CA ASN D 71 -22.98 -29.80 3.22
C ASN D 71 -22.59 -29.74 4.70
N GLN D 72 -22.92 -28.65 5.40
CA GLN D 72 -22.58 -28.46 6.80
C GLN D 72 -21.06 -28.66 7.08
N ALA D 73 -20.19 -28.27 6.16
CA ALA D 73 -18.75 -28.32 6.40
C ALA D 73 -18.33 -27.16 7.31
N ALA D 74 -17.50 -27.48 8.32
CA ALA D 74 -16.83 -26.46 9.09
C ALA D 74 -15.75 -25.78 8.22
N THR D 75 -15.11 -24.71 8.73
CA THR D 75 -14.03 -24.08 7.99
C THR D 75 -12.83 -23.81 8.92
N ALA D 76 -11.62 -24.12 8.43
CA ALA D 76 -10.38 -23.71 9.10
C ALA D 76 -9.83 -22.49 8.37
N LEU D 77 -9.55 -21.43 9.14
CA LEU D 77 -8.89 -20.23 8.66
C LEU D 77 -7.42 -20.21 9.08
N ASP D 78 -6.52 -19.93 8.11
CA ASP D 78 -5.08 -19.81 8.35
C ASP D 78 -4.70 -18.40 7.94
N ILE D 79 -4.49 -17.59 8.94
CA ILE D 79 -4.39 -16.16 8.80
C ILE D 79 -2.94 -15.75 9.11
N ARG D 80 -2.32 -15.08 8.13
CA ARG D 80 -0.94 -14.62 8.26
C ARG D 80 -0.91 -13.16 7.83
N GLY D 81 -0.86 -12.26 8.81
CA GLY D 81 -1.07 -10.87 8.55
C GLY D 81 -2.41 -10.64 7.85
N SER D 82 -2.34 -10.06 6.64
CA SER D 82 -3.51 -9.67 5.88
C SER D 82 -3.90 -10.72 4.86
N ARG D 83 -3.21 -11.86 4.83
CA ARG D 83 -3.57 -12.91 3.89
C ARG D 83 -4.23 -14.07 4.62
N ILE D 84 -5.29 -14.63 4.03
CA ILE D 84 -6.03 -15.72 4.67
C ILE D 84 -6.13 -16.86 3.69
N ILE D 85 -5.81 -18.07 4.16
CA ILE D 85 -6.09 -19.33 3.49
C ILE D 85 -7.29 -20.00 4.18
N THR D 86 -8.21 -20.60 3.41
CA THR D 86 -9.42 -21.18 3.95
C THR D 86 -9.60 -22.56 3.34
N ASN D 87 -10.01 -23.48 4.20
CA ASN D 87 -10.29 -24.87 3.89
C ASN D 87 -11.54 -25.29 4.65
N ASP D 88 -12.58 -25.67 3.90
CA ASP D 88 -13.72 -26.32 4.53
C ASP D 88 -13.26 -27.71 4.92
N PHE D 89 -13.93 -28.31 5.91
CA PHE D 89 -13.62 -29.68 6.29
C PHE D 89 -14.84 -30.38 6.87
N VAL D 90 -14.87 -31.70 6.64
CA VAL D 90 -15.82 -32.62 7.27
C VAL D 90 -15.05 -33.84 7.78
N GLY D 91 -15.70 -34.58 8.69
CA GLY D 91 -15.19 -35.84 9.19
C GLY D 91 -15.20 -36.91 8.10
N GLY D 92 -14.11 -37.67 7.96
CA GLY D 92 -14.13 -38.85 7.12
C GLY D 92 -13.82 -40.10 7.95
N PRO D 93 -13.69 -41.26 7.28
CA PRO D 93 -13.30 -42.50 7.95
C PRO D 93 -11.91 -42.53 8.60
N ASN D 94 -11.79 -43.40 9.60
CA ASN D 94 -10.56 -43.64 10.33
C ASN D 94 -10.06 -42.36 11.01
N ASN D 95 -11.01 -41.56 11.55
CA ASN D 95 -10.69 -40.36 12.31
C ASN D 95 -9.99 -39.32 11.43
N SER D 96 -10.33 -39.32 10.13
CA SER D 96 -9.80 -38.34 9.17
C SER D 96 -10.66 -37.08 9.24
N ALA D 97 -10.06 -35.96 8.82
CA ALA D 97 -10.79 -34.78 8.38
C ALA D 97 -10.44 -34.55 6.90
N ILE D 98 -11.47 -34.45 6.05
CA ILE D 98 -11.34 -34.24 4.61
C ILE D 98 -11.48 -32.74 4.32
N LEU D 99 -10.40 -32.12 3.81
CA LEU D 99 -10.33 -30.68 3.54
C LEU D 99 -10.61 -30.38 2.07
N ASN D 100 -11.23 -29.21 1.85
CA ASN D 100 -11.46 -28.61 0.53
C ASN D 100 -10.92 -27.19 0.55
N ASN D 101 -9.86 -26.92 -0.23
CA ASN D 101 -9.29 -25.59 -0.38
C ASN D 101 -10.32 -24.73 -1.11
N CYS D 102 -10.76 -23.67 -0.42
CA CYS D 102 -11.83 -22.84 -0.92
C CYS D 102 -11.48 -22.04 -2.17
N THR D 103 -10.19 -21.78 -2.43
CA THR D 103 -9.74 -21.06 -3.61
C THR D 103 -9.48 -22.02 -4.78
N THR D 104 -8.87 -23.19 -4.55
CA THR D 104 -8.57 -24.07 -5.67
C THR D 104 -9.44 -25.31 -5.80
N GLY D 105 -10.23 -25.69 -4.79
CA GLY D 105 -11.08 -26.86 -4.91
C GLY D 105 -10.36 -28.17 -4.62
N GLU D 106 -9.07 -28.08 -4.27
CA GLU D 106 -8.25 -29.25 -3.97
C GLU D 106 -8.61 -29.85 -2.60
N LYS D 107 -8.52 -31.19 -2.55
CA LYS D 107 -8.86 -32.01 -1.41
C LYS D 107 -7.62 -32.58 -0.73
N ALA D 108 -7.74 -32.88 0.56
CA ALA D 108 -6.67 -33.52 1.29
C ALA D 108 -7.23 -34.22 2.52
N THR D 109 -6.68 -35.40 2.81
CA THR D 109 -7.09 -36.18 3.97
C THR D 109 -6.12 -35.87 5.11
N TRP D 110 -6.68 -35.35 6.22
CA TRP D 110 -5.86 -34.98 7.36
C TRP D 110 -6.19 -35.88 8.55
N TYR D 111 -5.25 -35.91 9.52
CA TYR D 111 -5.41 -36.67 10.75
C TYR D 111 -4.85 -35.87 11.93
N PHE D 112 -5.30 -36.24 13.15
CA PHE D 112 -4.69 -35.70 14.35
C PHE D 112 -3.78 -36.76 15.02
N GLN D 113 -2.55 -36.33 15.25
CA GLN D 113 -1.56 -37.09 15.99
C GLN D 113 -1.97 -37.15 17.46
N TYR D 114 -2.35 -36.00 18.00
CA TYR D 114 -3.05 -35.90 19.26
C TYR D 114 -3.86 -34.59 19.29
N THR D 115 -4.91 -34.56 20.16
CA THR D 115 -5.51 -33.30 20.56
C THR D 115 -5.57 -33.20 22.09
N ASN D 116 -5.44 -31.96 22.56
CA ASN D 116 -5.51 -31.67 23.97
C ASN D 116 -6.16 -30.30 24.13
N LEU D 117 -7.46 -30.24 23.84
CA LEU D 117 -8.14 -28.94 23.81
C LEU D 117 -8.78 -28.62 25.15
N ASN D 118 -8.64 -27.34 25.52
CA ASN D 118 -9.40 -26.72 26.61
C ASN D 118 -9.10 -27.42 27.94
N THR D 119 -7.81 -27.65 28.21
CA THR D 119 -7.38 -28.05 29.52
C THR D 119 -7.31 -26.77 30.36
N PRO D 120 -7.05 -26.92 31.66
CA PRO D 120 -6.80 -25.78 32.52
C PRO D 120 -5.53 -25.03 32.19
N ASN D 121 -4.69 -25.58 31.30
CA ASN D 121 -3.52 -24.87 30.77
C ASN D 121 -3.72 -24.51 29.27
N GLY D 122 -4.96 -24.50 28.79
CA GLY D 122 -5.26 -24.17 27.41
C GLY D 122 -5.27 -25.37 26.47
N SER D 123 -5.08 -25.08 25.18
CA SER D 123 -5.25 -26.05 24.10
C SER D 123 -3.96 -26.25 23.28
N SER D 124 -3.78 -27.47 22.77
CA SER D 124 -2.73 -27.78 21.80
C SER D 124 -3.21 -28.98 21.01
N TYR D 125 -2.69 -29.08 19.80
CA TYR D 125 -2.94 -30.24 18.98
C TYR D 125 -1.81 -30.27 17.94
N CYS D 126 -1.64 -31.45 17.33
CA CYS D 126 -0.79 -31.54 16.14
C CYS D 126 -1.54 -32.38 15.13
N ALA D 127 -1.65 -31.86 13.90
CA ALA D 127 -2.29 -32.54 12.78
C ALA D 127 -1.33 -32.66 11.60
N TYR D 128 -1.68 -33.55 10.67
CA TYR D 128 -0.79 -33.83 9.55
C TYR D 128 -1.56 -34.36 8.36
N THR D 129 -0.90 -34.30 7.20
CA THR D 129 -1.39 -34.98 6.01
C THR D 129 -0.21 -35.64 5.31
N CYS D 130 -0.49 -36.77 4.65
CA CYS D 130 0.54 -37.67 4.16
C CYS D 130 0.66 -37.63 2.63
N ASN D 131 1.90 -37.83 2.16
CA ASN D 131 2.19 -38.26 0.80
C ASN D 131 2.73 -39.70 0.87
N GLY D 132 1.80 -40.67 0.91
CA GLY D 132 2.10 -42.05 1.28
C GLY D 132 2.78 -42.17 2.63
N GLU D 133 4.10 -42.38 2.60
CA GLU D 133 4.91 -42.65 3.78
C GLU D 133 5.66 -41.40 4.23
N GLU D 134 5.70 -40.37 3.38
CA GLU D 134 6.27 -39.12 3.85
C GLU D 134 5.13 -38.17 4.27
N ILE D 135 5.50 -37.20 5.09
CA ILE D 135 4.56 -36.22 5.60
C ILE D 135 4.58 -35.03 4.64
N ALA D 136 3.39 -34.71 4.08
CA ALA D 136 3.20 -33.56 3.18
C ALA D 136 3.00 -32.24 3.95
N GLU D 137 2.17 -32.21 5.01
CA GLU D 137 2.07 -30.99 5.84
C GLU D 137 1.88 -31.37 7.31
N TYR D 138 2.36 -30.49 8.20
CA TYR D 138 2.30 -30.70 9.65
C TYR D 138 1.92 -29.36 10.27
N LYS D 139 0.95 -29.37 11.20
CA LYS D 139 0.59 -28.15 11.91
C LYS D 139 0.39 -28.49 13.40
N CYS D 140 1.18 -27.87 14.28
CA CYS D 140 1.03 -28.01 15.71
C CYS D 140 0.59 -26.65 16.21
N ALA D 141 -0.63 -26.62 16.78
CA ALA D 141 -1.24 -25.37 17.22
C ALA D 141 -1.40 -25.38 18.74
N ASN D 142 -1.41 -24.19 19.31
CA ASN D 142 -1.64 -24.02 20.72
C ASN D 142 -2.07 -22.58 21.03
N ASN D 143 -2.55 -22.39 22.24
CA ASN D 143 -2.88 -21.07 22.74
C ASN D 143 -2.21 -20.86 24.09
N ASN D 144 -1.07 -21.54 24.32
CA ASN D 144 -0.39 -21.49 25.60
C ASN D 144 1.14 -21.32 25.46
N ASN D 145 1.63 -20.88 24.30
CA ASN D 145 3.06 -20.71 24.04
C ASN D 145 3.90 -21.97 24.21
N GLY D 146 3.39 -23.14 23.84
CA GLY D 146 4.22 -24.33 23.66
C GLY D 146 4.50 -25.10 24.94
N THR D 147 3.68 -24.90 26.00
CA THR D 147 3.98 -25.53 27.28
C THR D 147 3.38 -26.93 27.44
N ASP D 148 2.50 -27.36 26.54
CA ASP D 148 1.90 -28.67 26.66
C ASP D 148 2.96 -29.76 26.43
N PRO D 149 3.25 -30.63 27.43
CA PRO D 149 4.22 -31.71 27.27
C PRO D 149 3.90 -32.66 26.13
N LEU D 150 2.60 -32.86 25.82
CA LEU D 150 2.25 -33.68 24.67
C LEU D 150 2.84 -33.13 23.39
N GLN D 151 3.03 -31.80 23.32
CA GLN D 151 3.38 -31.18 22.04
C GLN D 151 4.84 -31.47 21.71
N LYS D 152 5.73 -31.41 22.73
CA LYS D 152 7.14 -31.75 22.57
C LYS D 152 7.30 -33.18 22.05
N GLN D 153 6.66 -34.17 22.69
CA GLN D 153 6.78 -35.57 22.27
C GLN D 153 6.30 -35.72 20.82
N ALA D 154 5.15 -35.12 20.48
CA ALA D 154 4.57 -35.25 19.14
C ALA D 154 5.49 -34.74 18.03
N VAL D 155 6.10 -33.57 18.24
CA VAL D 155 6.99 -32.97 17.25
C VAL D 155 8.22 -33.87 16.99
N GLU D 156 8.91 -34.31 18.07
CA GLU D 156 9.98 -35.31 18.02
C GLU D 156 9.66 -36.49 17.10
N VAL D 157 8.50 -37.12 17.34
CA VAL D 157 8.05 -38.25 16.53
C VAL D 157 7.88 -37.85 15.06
N ALA D 158 7.27 -36.69 14.78
CA ALA D 158 6.91 -36.34 13.41
C ALA D 158 8.16 -36.00 12.58
N LYS D 159 9.11 -35.33 13.21
CA LYS D 159 10.37 -34.95 12.58
C LYS D 159 11.18 -36.15 12.05
N LYS D 160 10.86 -37.38 12.50
CA LYS D 160 11.61 -38.56 12.13
C LYS D 160 10.90 -39.31 11.05
N VAL D 161 9.67 -38.93 10.69
CA VAL D 161 9.08 -39.63 9.58
C VAL D 161 9.69 -39.01 8.32
N PRO D 162 9.61 -39.66 7.15
CA PRO D 162 10.22 -39.13 5.93
C PRO D 162 9.65 -37.76 5.53
N ASN D 163 10.54 -36.77 5.38
CA ASN D 163 10.27 -35.39 5.00
C ASN D 163 10.08 -34.51 6.25
N GLY D 164 10.02 -35.15 7.44
CA GLY D 164 9.77 -34.48 8.71
C GLY D 164 10.91 -33.55 9.13
N ASP D 165 12.03 -33.62 8.40
CA ASP D 165 13.20 -32.78 8.69
C ASP D 165 12.89 -31.32 8.30
N LYS D 166 11.89 -31.12 7.43
CA LYS D 166 11.42 -29.78 7.09
C LYS D 166 10.61 -29.12 8.23
N ILE D 167 10.02 -29.92 9.14
CA ILE D 167 9.27 -29.37 10.27
C ILE D 167 10.19 -28.48 11.08
N HIS D 168 9.73 -27.24 11.30
CA HIS D 168 10.50 -26.23 11.99
C HIS D 168 9.56 -25.41 12.90
N TYR D 169 10.16 -24.69 13.84
CA TYR D 169 9.51 -23.70 14.67
C TYR D 169 9.09 -22.50 13.82
N ALA D 170 7.83 -22.05 14.03
CA ALA D 170 7.12 -21.29 13.00
C ALA D 170 6.99 -19.83 13.42
N LEU D 171 7.46 -19.50 14.62
CA LEU D 171 7.10 -18.24 15.25
C LEU D 171 8.33 -17.41 15.56
N ASP D 172 9.48 -17.67 14.89
CA ASP D 172 10.62 -16.76 15.08
C ASP D 172 10.53 -15.54 14.15
N ASN D 173 10.76 -14.39 14.75
CA ASN D 173 10.97 -13.18 13.97
C ASN D 173 9.70 -12.83 13.19
N CYS D 174 8.53 -12.95 13.83
CA CYS D 174 7.28 -12.60 13.20
C CYS D 174 7.09 -11.09 13.19
N PRO D 175 6.24 -10.51 12.31
CA PRO D 175 6.08 -9.04 12.25
C PRO D 175 5.50 -8.41 13.52
N GLU D 176 5.86 -7.14 13.73
CA GLU D 176 5.49 -6.42 14.94
C GLU D 176 4.01 -6.06 14.81
N HIS D 177 3.37 -5.84 15.93
CA HIS D 177 1.92 -5.73 15.99
C HIS D 177 1.58 -4.26 16.06
N HIS D 178 0.28 -3.95 15.86
CA HIS D 178 -0.22 -2.59 16.08
C HIS D 178 -1.44 -2.63 16.98
N GLY D 179 -1.26 -3.24 18.15
CA GLY D 179 -2.19 -3.14 19.25
C GLY D 179 -3.15 -4.32 19.34
N CYS D 180 -3.13 -5.27 18.39
CA CYS D 180 -3.86 -6.51 18.56
C CYS D 180 -2.89 -7.60 19.01
N PHE D 181 -3.41 -8.50 19.83
CA PHE D 181 -2.62 -9.58 20.40
C PHE D 181 -2.35 -10.68 19.38
N ALA D 182 -3.34 -11.13 18.59
CA ALA D 182 -3.23 -12.37 17.83
C ALA D 182 -3.24 -12.16 16.31
N PHE D 183 -3.26 -10.88 15.88
CA PHE D 183 -3.33 -10.51 14.49
C PHE D 183 -2.41 -9.29 14.28
N TYR D 184 -1.90 -9.15 13.05
CA TYR D 184 -0.91 -8.11 12.79
C TYR D 184 -1.02 -7.63 11.35
#